data_1O92
#
_entry.id   1O92
#
_cell.length_a   115.140
_cell.length_b   115.140
_cell.length_c   160.450
_cell.angle_alpha   90.00
_cell.angle_beta   90.00
_cell.angle_gamma   90.00
#
_symmetry.space_group_name_H-M   'P 41 2 2'
#
loop_
_entity.id
_entity.type
_entity.pdbx_description
1 polymer 'S-ADENOSYLMETHIONINE SYNTHETASE'
2 non-polymer 'L-2-AMINO-4-METHOXY-CIS-BUT-3-ENOIC ACID'
3 non-polymer 'PHOSPHATE ION'
4 non-polymer 'MAGNESIUM ION'
5 non-polymer "ADENOSINE-5'-DIPHOSPHATE"
6 non-polymer 'POTASSIUM ION'
7 water water
#
_entity_poly.entity_id   1
_entity_poly.type   'polypeptide(L)'
_entity_poly.pdbx_seq_one_letter_code
;MNGPVDGLCDHSLSEEGAFMFTSESVGEGHPDKICDQISDAVLDAHLKQDPNAKVACETVCKTGMVLLCGEITSMAMIDY
QRVVRDTIKHIGYDDSAKGFDFKTCNVLVALEQQSPDIAQCVHLDRNEEDVGAGDQGLMFGYATDETEECMPLTIVLAHK
LNTRMADLRRSGVLPWLRPDSKTQVTVQYVQDNGAVIPVRVHTIVISVQHNEDITLEAMREALKEQVIKAVVPAKYLDED
TIYHLQPSGRFVIGGPQGDAGVTGRKIIVDTYGGWGAHGGGAFSGKDYTKVDRSAAYAARWVAKSLVKAGLCRRVLVQVS
YAIGVAEPLSISIFTYGTSKKTERELLEVVNKNFDLRPGVIVRDLDLKKPIYQKTACYGHFGRSEFPWEVPKKLVF
;
_entity_poly.pdbx_strand_id   A,B
#
loop_
_chem_comp.id
_chem_comp.type
_chem_comp.name
_chem_comp.formula
ADP non-polymer ADENOSINE-5'-DIPHOSPHATE 'C10 H15 N5 O10 P2'
AMB non-polymer 'L-2-AMINO-4-METHOXY-CIS-BUT-3-ENOIC ACID' 'C5 H9 N O3'
K non-polymer 'POTASSIUM ION' 'K 1'
MG non-polymer 'MAGNESIUM ION' 'Mg 2'
PO4 non-polymer 'PHOSPHATE ION' 'O4 P -3'
#
# COMPACT_ATOMS: atom_id res chain seq x y z
N GLY A 17 -24.04 12.83 -9.76
CA GLY A 17 -23.37 11.81 -10.65
C GLY A 17 -23.02 10.51 -9.89
N ALA A 18 -23.98 10.06 -9.11
CA ALA A 18 -23.92 8.88 -8.21
C ALA A 18 -22.82 7.84 -8.54
N PHE A 19 -22.32 7.31 -7.43
CA PHE A 19 -21.26 6.27 -7.33
C PHE A 19 -21.14 5.94 -5.84
N MET A 20 -20.61 4.79 -5.51
CA MET A 20 -20.42 4.46 -4.09
C MET A 20 -18.96 4.22 -3.78
N PHE A 21 -18.60 4.30 -2.50
CA PHE A 21 -17.23 4.11 -2.09
C PHE A 21 -17.14 3.44 -0.72
N THR A 22 -16.08 2.69 -0.52
CA THR A 22 -15.85 1.97 0.72
C THR A 22 -14.43 2.21 1.22
N SER A 23 -14.28 2.22 2.54
CA SER A 23 -12.98 2.42 3.17
C SER A 23 -12.94 1.60 4.44
N GLU A 24 -11.72 1.33 4.91
CA GLU A 24 -11.57 0.53 6.12
C GLU A 24 -10.54 1.07 7.08
N SER A 25 -10.56 0.52 8.28
CA SER A 25 -9.64 0.90 9.34
C SER A 25 -9.54 -0.23 10.33
N VAL A 26 -8.46 -0.25 11.09
CA VAL A 26 -8.23 -1.29 12.08
C VAL A 26 -7.88 -0.71 13.45
N GLY A 27 -8.22 -1.46 14.48
CA GLY A 27 -7.94 -1.00 15.82
C GLY A 27 -6.48 -1.12 16.21
N GLU A 28 -6.17 -0.63 17.40
CA GLU A 28 -4.81 -0.66 17.91
C GLU A 28 -4.31 -2.06 18.16
N GLY A 29 -5.24 -3.01 18.17
CA GLY A 29 -4.91 -4.40 18.41
C GLY A 29 -4.55 -5.20 17.16
N HIS A 30 -4.83 -4.62 16.00
CA HIS A 30 -4.55 -5.31 14.75
C HIS A 30 -3.05 -5.55 14.67
N PRO A 31 -2.62 -6.78 14.38
CA PRO A 31 -1.23 -7.18 14.27
C PRO A 31 -0.33 -6.17 13.56
N ASP A 32 -0.75 -5.73 12.38
CA ASP A 32 0.01 -4.76 11.60
C ASP A 32 0.12 -3.43 12.33
N LYS A 33 -0.99 -3.00 12.92
CA LYS A 33 -1.00 -1.73 13.65
C LYS A 33 -0.20 -1.75 14.95
N ILE A 34 -0.03 -2.94 15.52
CA ILE A 34 0.74 -3.06 16.75
C ILE A 34 2.19 -2.77 16.41
N CYS A 35 2.61 -3.30 15.26
CA CYS A 35 3.96 -3.12 14.75
C CYS A 35 4.21 -1.67 14.34
N ASP A 36 3.20 -1.04 13.75
CA ASP A 36 3.32 0.34 13.33
C ASP A 36 3.52 1.20 14.56
N GLN A 37 2.79 0.89 15.62
CA GLN A 37 2.87 1.62 16.89
C GLN A 37 4.19 1.39 17.62
N ILE A 38 4.58 0.12 17.75
CA ILE A 38 5.82 -0.22 18.42
C ILE A 38 7.01 0.43 17.72
N SER A 39 6.99 0.44 16.39
CA SER A 39 8.06 1.04 15.60
C SER A 39 8.13 2.54 15.84
N ASP A 40 6.97 3.18 15.92
CA ASP A 40 6.92 4.62 16.16
C ASP A 40 7.20 4.94 17.62
N ALA A 41 6.95 3.99 18.50
CA ALA A 41 7.20 4.17 19.93
C ALA A 41 8.71 4.24 20.12
N VAL A 42 9.43 3.43 19.36
CA VAL A 42 10.89 3.41 19.44
C VAL A 42 11.40 4.71 18.86
N LEU A 43 10.67 5.26 17.88
CA LEU A 43 11.06 6.52 17.26
C LEU A 43 10.89 7.66 18.27
N ASP A 44 9.77 7.66 18.99
CA ASP A 44 9.49 8.66 20.00
C ASP A 44 10.53 8.60 21.10
N ALA A 45 10.78 7.39 21.60
CA ALA A 45 11.73 7.16 22.68
C ALA A 45 13.13 7.72 22.36
N HIS A 46 13.45 7.86 21.09
CA HIS A 46 14.76 8.38 20.71
C HIS A 46 14.73 9.89 20.55
N LEU A 47 13.65 10.40 19.95
CA LEU A 47 13.49 11.83 19.74
C LEU A 47 13.50 12.62 21.06
N LYS A 48 12.99 11.99 22.11
CA LYS A 48 12.93 12.63 23.41
C LYS A 48 14.30 12.94 24.01
N GLN A 49 15.29 12.14 23.64
CA GLN A 49 16.65 12.31 24.16
C GLN A 49 17.65 12.77 23.11
N ASP A 50 17.23 12.72 21.85
CA ASP A 50 18.09 13.11 20.74
C ASP A 50 17.21 13.39 19.53
N PRO A 51 16.72 14.61 19.38
CA PRO A 51 15.86 15.07 18.30
C PRO A 51 16.47 14.93 16.90
N ASN A 52 17.72 14.51 16.86
CA ASN A 52 18.39 14.31 15.58
C ASN A 52 18.66 12.84 15.36
N ALA A 53 18.12 12.00 16.23
CA ALA A 53 18.30 10.55 16.13
C ALA A 53 17.83 10.07 14.77
N LYS A 54 18.63 9.22 14.15
CA LYS A 54 18.28 8.65 12.86
C LYS A 54 17.63 7.30 13.11
N VAL A 55 16.31 7.25 12.90
CA VAL A 55 15.56 6.04 13.12
C VAL A 55 15.01 5.39 11.85
N ALA A 56 15.29 4.10 11.73
CA ALA A 56 14.86 3.29 10.63
C ALA A 56 14.67 1.89 11.18
N CYS A 57 13.50 1.65 11.77
CA CYS A 57 13.20 0.35 12.35
C CYS A 57 11.82 -0.14 11.98
N GLU A 58 11.61 -1.44 12.14
CA GLU A 58 10.33 -2.07 11.86
C GLU A 58 10.13 -3.23 12.83
N THR A 59 8.87 -3.62 13.00
CA THR A 59 8.51 -4.68 13.93
C THR A 59 7.70 -5.79 13.25
N VAL A 60 7.81 -6.99 13.82
CA VAL A 60 7.11 -8.17 13.33
C VAL A 60 6.60 -8.87 14.58
N CYS A 61 5.33 -9.31 14.57
CA CYS A 61 4.79 -9.98 15.74
C CYS A 61 3.99 -11.20 15.35
N LYS A 62 3.89 -12.15 16.27
CA LYS A 62 3.16 -13.38 16.03
C LYS A 62 2.94 -14.13 17.35
N THR A 63 1.74 -14.03 17.89
CA THR A 63 1.35 -14.67 19.16
C THR A 63 2.38 -14.60 20.28
N GLY A 64 2.39 -13.52 21.05
CA GLY A 64 3.34 -13.41 22.15
C GLY A 64 4.78 -13.54 21.71
N MET A 65 5.10 -12.93 20.57
CA MET A 65 6.44 -12.95 20.01
C MET A 65 6.59 -11.70 19.14
N VAL A 66 7.38 -10.76 19.64
CA VAL A 66 7.64 -9.50 18.96
C VAL A 66 9.09 -9.40 18.57
N LEU A 67 9.33 -9.10 17.30
CA LEU A 67 10.69 -8.96 16.78
C LEU A 67 10.95 -7.53 16.36
N LEU A 68 11.91 -6.89 17.02
CA LEU A 68 12.28 -5.53 16.70
C LEU A 68 13.52 -5.56 15.84
N CYS A 69 13.40 -5.09 14.61
CA CYS A 69 14.52 -5.05 13.68
C CYS A 69 14.80 -3.59 13.36
N GLY A 70 15.96 -3.32 12.78
CA GLY A 70 16.25 -1.93 12.44
C GLY A 70 17.68 -1.43 12.62
N GLU A 71 17.93 -0.29 12.00
CA GLU A 71 19.21 0.39 12.03
C GLU A 71 18.94 1.81 12.50
N ILE A 72 19.36 2.12 13.72
CA ILE A 72 19.13 3.46 14.23
C ILE A 72 20.38 4.12 14.81
N THR A 73 20.79 5.20 14.17
CA THR A 73 21.96 5.96 14.59
C THR A 73 21.47 7.06 15.51
N SER A 74 21.68 6.86 16.81
CA SER A 74 21.26 7.84 17.80
C SER A 74 22.22 7.86 18.99
N MET A 75 21.99 8.83 19.87
CA MET A 75 22.79 9.00 21.06
C MET A 75 21.87 9.20 22.25
N ALA A 76 21.12 8.16 22.57
CA ALA A 76 20.18 8.19 23.68
C ALA A 76 20.10 6.78 24.25
N MET A 77 19.94 6.69 25.57
CA MET A 77 19.84 5.38 26.21
C MET A 77 18.40 4.91 26.31
N ILE A 78 18.05 3.90 25.53
CA ILE A 78 16.68 3.36 25.49
C ILE A 78 16.59 1.90 25.90
N ASP A 79 15.55 1.59 26.67
CA ASP A 79 15.29 0.23 27.12
C ASP A 79 14.21 -0.31 26.18
N TYR A 80 14.64 -0.94 25.08
CA TYR A 80 13.73 -1.48 24.09
C TYR A 80 12.68 -2.44 24.64
N GLN A 81 13.05 -3.20 25.68
CA GLN A 81 12.11 -4.12 26.30
C GLN A 81 10.97 -3.29 26.88
N ARG A 82 11.35 -2.20 27.53
CA ARG A 82 10.39 -1.29 28.15
C ARG A 82 9.48 -0.60 27.13
N VAL A 83 10.07 -0.05 26.06
CA VAL A 83 9.28 0.64 25.04
C VAL A 83 8.37 -0.28 24.24
N VAL A 84 8.74 -1.55 24.10
CA VAL A 84 7.92 -2.50 23.37
C VAL A 84 6.79 -3.00 24.26
N ARG A 85 7.13 -3.40 25.47
CA ARG A 85 6.15 -3.91 26.42
C ARG A 85 5.15 -2.83 26.85
N ASP A 86 5.62 -1.60 26.98
CA ASP A 86 4.75 -0.50 27.38
C ASP A 86 3.72 -0.24 26.28
N THR A 87 4.16 -0.35 25.03
CA THR A 87 3.28 -0.13 23.90
C THR A 87 2.20 -1.20 23.80
N ILE A 88 2.56 -2.43 24.15
CA ILE A 88 1.63 -3.54 24.11
C ILE A 88 0.63 -3.37 25.24
N LYS A 89 1.09 -2.84 26.37
CA LYS A 89 0.24 -2.61 27.54
C LYS A 89 -0.77 -1.51 27.20
N HIS A 90 -0.28 -0.44 26.60
CA HIS A 90 -1.11 0.70 26.20
C HIS A 90 -2.24 0.23 25.30
N ILE A 91 -1.92 -0.66 24.38
CA ILE A 91 -2.90 -1.18 23.44
C ILE A 91 -4.01 -1.97 24.15
N GLY A 92 -3.69 -2.53 25.31
CA GLY A 92 -4.69 -3.29 26.04
C GLY A 92 -4.41 -4.78 26.18
N TYR A 93 -3.16 -5.17 25.91
CA TYR A 93 -2.77 -6.57 26.03
C TYR A 93 -2.03 -6.81 27.34
N ASP A 94 -2.82 -7.12 28.37
CA ASP A 94 -2.30 -7.38 29.71
C ASP A 94 -2.64 -8.79 30.21
N ASP A 95 -3.70 -9.36 29.66
CA ASP A 95 -4.11 -10.71 30.05
C ASP A 95 -3.73 -11.74 28.99
N SER A 96 -3.64 -12.98 29.44
CA SER A 96 -3.27 -14.12 28.59
C SER A 96 -4.20 -14.42 27.41
N ALA A 97 -5.46 -14.71 27.71
CA ALA A 97 -6.46 -15.07 26.70
C ALA A 97 -6.67 -14.06 25.55
N LYS A 98 -6.22 -12.83 25.74
CA LYS A 98 -6.38 -11.79 24.72
C LYS A 98 -5.47 -11.96 23.50
N GLY A 99 -4.55 -12.93 23.59
CA GLY A 99 -3.62 -13.19 22.49
C GLY A 99 -2.31 -12.43 22.60
N PHE A 100 -2.10 -11.80 23.75
CA PHE A 100 -0.88 -11.03 23.99
C PHE A 100 -0.87 -10.53 25.43
N ASP A 101 0.30 -10.60 26.07
CA ASP A 101 0.46 -10.14 27.45
C ASP A 101 1.86 -9.53 27.53
N PHE A 102 1.90 -8.20 27.64
CA PHE A 102 3.16 -7.49 27.71
C PHE A 102 4.14 -8.01 28.76
N LYS A 103 3.61 -8.71 29.77
CA LYS A 103 4.47 -9.24 30.83
C LYS A 103 5.08 -10.59 30.48
N THR A 104 4.44 -11.30 29.57
CA THR A 104 4.91 -12.63 29.19
C THR A 104 5.39 -12.83 27.75
N CYS A 105 5.03 -11.92 26.84
CA CYS A 105 5.43 -12.06 25.46
C CYS A 105 6.92 -11.98 25.21
N ASN A 106 7.36 -12.67 24.16
CA ASN A 106 8.77 -12.71 23.76
C ASN A 106 9.13 -11.48 22.94
N VAL A 107 10.04 -10.67 23.48
CA VAL A 107 10.48 -9.47 22.78
C VAL A 107 11.92 -9.68 22.33
N LEU A 108 12.08 -10.17 21.10
CA LEU A 108 13.39 -10.41 20.53
C LEU A 108 13.86 -9.15 19.83
N VAL A 109 14.89 -8.51 20.39
CA VAL A 109 15.43 -7.28 19.82
C VAL A 109 16.69 -7.53 19.00
N ALA A 110 16.58 -7.39 17.68
CA ALA A 110 17.70 -7.56 16.77
C ALA A 110 18.10 -6.21 16.18
N LEU A 111 17.90 -5.20 17.00
CA LEU A 111 18.15 -3.79 16.64
C LEU A 111 19.65 -3.45 16.70
N GLU A 112 20.11 -2.68 15.71
CA GLU A 112 21.52 -2.25 15.62
C GLU A 112 21.56 -0.74 15.88
N GLN A 113 22.22 -0.32 16.97
CA GLN A 113 22.28 1.12 17.28
C GLN A 113 23.69 1.72 17.35
N GLN A 114 23.98 2.69 16.48
CA GLN A 114 25.30 3.35 16.48
C GLN A 114 25.28 4.46 17.54
N SER A 115 26.07 5.50 17.31
CA SER A 115 26.15 6.62 18.26
C SER A 115 26.27 8.02 17.66
N PRO A 116 27.16 8.25 16.68
CA PRO A 116 27.36 9.57 16.07
C PRO A 116 26.51 9.78 14.80
N GLU A 129 18.41 23.67 6.56
CA GLU A 129 17.20 24.27 5.91
C GLU A 129 17.19 23.92 4.43
N ASP A 130 18.36 23.94 3.80
CA ASP A 130 18.48 23.64 2.39
C ASP A 130 19.23 22.31 2.20
N VAL A 131 18.88 21.34 3.04
CA VAL A 131 19.50 20.00 3.01
C VAL A 131 19.57 19.32 1.65
N GLY A 132 18.44 18.81 1.19
CA GLY A 132 18.43 18.13 -0.09
C GLY A 132 17.71 16.80 0.06
N ALA A 133 16.59 16.67 -0.64
CA ALA A 133 15.76 15.47 -0.62
C ALA A 133 16.45 14.15 -0.95
N GLY A 134 16.34 13.19 -0.01
CA GLY A 134 16.89 11.85 -0.23
C GLY A 134 15.92 11.05 -1.11
N ASP A 135 16.45 10.31 -2.06
CA ASP A 135 15.72 9.41 -2.94
C ASP A 135 14.72 10.15 -3.82
N GLN A 136 14.88 10.07 -5.14
CA GLN A 136 13.81 10.46 -6.06
C GLN A 136 12.45 10.11 -5.44
N GLY A 137 11.51 11.04 -5.48
CA GLY A 137 10.22 10.73 -4.91
C GLY A 137 9.08 11.50 -5.51
N LEU A 138 7.87 11.07 -5.16
CA LEU A 138 6.65 11.69 -5.63
C LEU A 138 5.61 11.49 -4.54
N MET A 139 5.35 12.56 -3.78
CA MET A 139 4.35 12.49 -2.71
C MET A 139 3.03 13.10 -3.14
N PHE A 140 1.96 12.57 -2.58
CA PHE A 140 0.60 13.03 -2.88
C PHE A 140 -0.06 13.64 -1.67
N GLY A 141 -1.00 14.55 -1.93
CA GLY A 141 -1.74 15.21 -0.87
C GLY A 141 -3.19 15.27 -1.28
N TYR A 142 -4.10 15.09 -0.34
CA TYR A 142 -5.52 15.11 -0.67
C TYR A 142 -6.39 15.74 0.41
N ALA A 143 -7.46 16.40 -0.05
CA ALA A 143 -8.39 17.08 0.84
C ALA A 143 -9.70 17.32 0.13
N THR A 144 -10.80 17.23 0.88
CA THR A 144 -12.14 17.45 0.35
C THR A 144 -13.00 18.06 1.46
N ASP A 145 -13.91 18.96 1.09
CA ASP A 145 -14.76 19.61 2.09
C ASP A 145 -16.00 18.85 2.58
N GLU A 146 -16.09 17.55 2.28
CA GLU A 146 -17.25 16.78 2.70
C GLU A 146 -17.36 16.57 4.20
N THR A 147 -16.27 16.88 4.92
CA THR A 147 -16.25 16.76 6.37
C THR A 147 -15.36 17.88 6.91
N GLU A 148 -15.55 18.25 8.18
CA GLU A 148 -14.75 19.31 8.76
C GLU A 148 -13.25 18.96 8.81
N GLU A 149 -12.94 17.66 8.82
CA GLU A 149 -11.55 17.22 8.86
C GLU A 149 -10.85 17.37 7.51
N CYS A 150 -11.65 17.56 6.45
CA CYS A 150 -11.14 17.71 5.08
C CYS A 150 -10.62 16.35 4.57
N MET A 151 -11.30 15.30 5.03
CA MET A 151 -10.99 13.92 4.67
C MET A 151 -12.26 13.21 4.24
N PRO A 152 -12.15 12.19 3.38
CA PRO A 152 -13.30 11.43 2.88
C PRO A 152 -14.17 10.92 4.04
N LEU A 153 -15.49 11.07 3.90
CA LEU A 153 -16.40 10.65 4.95
C LEU A 153 -16.22 9.18 5.29
N THR A 154 -16.06 8.38 4.24
CA THR A 154 -15.89 6.94 4.37
C THR A 154 -14.74 6.52 5.28
N ILE A 155 -13.58 7.15 5.12
CA ILE A 155 -12.44 6.82 5.96
C ILE A 155 -12.52 7.46 7.33
N VAL A 156 -13.12 8.65 7.41
CA VAL A 156 -13.26 9.35 8.68
C VAL A 156 -14.14 8.55 9.63
N LEU A 157 -15.28 8.09 9.12
CA LEU A 157 -16.20 7.29 9.91
C LEU A 157 -15.55 5.98 10.31
N ALA A 158 -14.82 5.39 9.37
CA ALA A 158 -14.14 4.12 9.59
C ALA A 158 -13.17 4.23 10.77
N HIS A 159 -12.45 5.35 10.82
CA HIS A 159 -11.49 5.60 11.89
C HIS A 159 -12.21 5.88 13.20
N LYS A 160 -13.14 6.83 13.17
CA LYS A 160 -13.91 7.20 14.34
C LYS A 160 -14.65 6.04 14.97
N LEU A 161 -15.05 5.08 14.14
CA LEU A 161 -15.77 3.92 14.62
C LEU A 161 -14.85 3.09 15.51
N ASN A 162 -13.60 2.92 15.09
CA ASN A 162 -12.61 2.19 15.87
C ASN A 162 -12.20 2.98 17.10
N THR A 163 -12.11 4.31 16.96
CA THR A 163 -11.70 5.19 18.05
C THR A 163 -12.70 5.10 19.20
N ARG A 164 -13.98 5.15 18.87
CA ARG A 164 -15.04 5.06 19.87
C ARG A 164 -14.99 3.76 20.67
N MET A 165 -14.67 2.66 19.98
CA MET A 165 -14.62 1.36 20.62
C MET A 165 -13.50 1.30 21.66
N ALA A 166 -12.40 1.99 21.37
CA ALA A 166 -11.25 2.05 22.27
C ALA A 166 -11.62 2.87 23.50
N ASP A 167 -12.43 3.89 23.28
CA ASP A 167 -12.87 4.76 24.36
C ASP A 167 -13.72 3.95 25.32
N LEU A 168 -14.74 3.30 24.79
CA LEU A 168 -15.65 2.47 25.59
C LEU A 168 -14.90 1.33 26.27
N ARG A 169 -13.79 0.92 25.66
CA ARG A 169 -12.98 -0.16 26.19
C ARG A 169 -12.22 0.37 27.40
N ARG A 170 -11.57 1.51 27.22
CA ARG A 170 -10.79 2.14 28.27
C ARG A 170 -11.58 2.84 29.37
N SER A 171 -12.81 3.24 29.05
CA SER A 171 -13.66 3.89 30.03
C SER A 171 -14.28 2.86 30.96
N GLY A 172 -14.71 1.75 30.39
CA GLY A 172 -15.32 0.68 31.17
C GLY A 172 -16.74 0.41 30.69
N VAL A 173 -17.29 1.33 29.91
CA VAL A 173 -18.65 1.22 29.37
C VAL A 173 -18.93 -0.12 28.70
N LEU A 174 -17.99 -0.59 27.89
CA LEU A 174 -18.08 -1.87 27.21
C LEU A 174 -16.82 -2.63 27.58
N PRO A 175 -16.80 -3.27 28.75
CA PRO A 175 -15.68 -4.04 29.28
C PRO A 175 -15.36 -5.38 28.59
N TRP A 176 -16.19 -5.77 27.64
CA TRP A 176 -15.99 -7.02 26.92
C TRP A 176 -15.20 -6.78 25.65
N LEU A 177 -15.08 -5.51 25.31
CA LEU A 177 -14.35 -5.07 24.12
C LEU A 177 -12.84 -5.29 24.27
N ARG A 178 -12.24 -5.90 23.23
CA ARG A 178 -10.81 -6.17 23.20
C ARG A 178 -10.10 -5.37 22.09
N PRO A 179 -8.77 -5.17 22.22
CA PRO A 179 -7.97 -4.35 21.32
C PRO A 179 -8.12 -4.51 19.78
N ASP A 180 -8.09 -5.74 19.28
CA ASP A 180 -8.19 -5.99 17.83
C ASP A 180 -9.58 -5.79 17.25
N SER A 181 -9.64 -4.96 16.21
CA SER A 181 -10.88 -4.67 15.52
C SER A 181 -10.63 -4.26 14.07
N LYS A 182 -11.68 -4.33 13.26
CA LYS A 182 -11.62 -3.97 11.85
C LYS A 182 -12.93 -3.28 11.50
N THR A 183 -12.84 -2.21 10.71
CA THR A 183 -14.01 -1.44 10.35
C THR A 183 -14.06 -1.13 8.87
N GLN A 184 -15.26 -1.14 8.31
CA GLN A 184 -15.47 -0.83 6.90
C GLN A 184 -16.72 -0.01 6.81
N VAL A 185 -16.62 1.09 6.08
CA VAL A 185 -17.76 1.98 5.88
C VAL A 185 -17.91 2.28 4.39
N THR A 186 -19.09 2.01 3.86
CA THR A 186 -19.38 2.28 2.46
C THR A 186 -20.51 3.29 2.36
N VAL A 187 -20.19 4.44 1.77
CA VAL A 187 -21.13 5.54 1.62
C VAL A 187 -21.50 5.82 0.17
N GLN A 188 -22.78 6.10 -0.06
CA GLN A 188 -23.28 6.41 -1.39
C GLN A 188 -23.07 7.89 -1.66
N TYR A 189 -22.43 8.19 -2.78
CA TYR A 189 -22.14 9.57 -3.15
C TYR A 189 -22.91 10.11 -4.35
N VAL A 190 -22.56 11.34 -4.70
CA VAL A 190 -23.15 12.07 -5.82
C VAL A 190 -22.26 13.29 -6.07
N GLN A 191 -21.81 13.45 -7.30
CA GLN A 191 -20.96 14.60 -7.66
C GLN A 191 -21.75 15.89 -7.58
N ASP A 192 -21.09 17.00 -7.87
CA ASP A 192 -21.72 18.31 -7.82
C ASP A 192 -20.89 19.38 -8.52
N ASN A 193 -21.12 19.52 -9.83
CA ASN A 193 -20.42 20.50 -10.67
C ASN A 193 -19.10 20.95 -10.06
N GLY A 194 -18.40 19.96 -9.64
CA GLY A 194 -17.11 20.10 -8.99
C GLY A 194 -16.77 18.75 -8.45
N ALA A 195 -17.28 18.45 -7.25
CA ALA A 195 -17.02 17.13 -6.72
C ALA A 195 -17.41 16.81 -5.25
N VAL A 196 -17.68 15.53 -5.23
CA VAL A 196 -17.95 14.61 -4.12
C VAL A 196 -18.73 15.04 -2.91
N ILE A 197 -20.02 14.67 -2.92
CA ILE A 197 -20.91 14.98 -1.82
C ILE A 197 -21.55 13.69 -1.28
N PRO A 198 -21.27 13.31 -0.01
CA PRO A 198 -21.84 12.09 0.57
C PRO A 198 -23.34 12.23 0.80
N VAL A 199 -24.07 11.15 0.52
CA VAL A 199 -25.53 11.16 0.69
C VAL A 199 -26.00 10.34 1.88
N ARG A 200 -25.49 9.12 2.01
CA ARG A 200 -25.90 8.26 3.12
C ARG A 200 -24.97 7.06 3.28
N VAL A 201 -24.98 6.47 4.46
CA VAL A 201 -24.16 5.31 4.75
C VAL A 201 -24.93 4.08 4.26
N HIS A 202 -24.44 3.48 3.18
CA HIS A 202 -25.08 2.31 2.59
C HIS A 202 -25.00 1.11 3.52
N THR A 203 -23.79 0.78 3.95
CA THR A 203 -23.57 -0.33 4.85
C THR A 203 -22.33 -0.16 5.71
N ILE A 204 -22.35 -0.77 6.88
CA ILE A 204 -21.26 -0.69 7.84
C ILE A 204 -20.91 -2.10 8.32
N VAL A 205 -19.62 -2.43 8.28
CA VAL A 205 -19.15 -3.73 8.72
C VAL A 205 -18.11 -3.50 9.78
N ILE A 206 -18.36 -4.07 10.95
CA ILE A 206 -17.44 -3.92 12.07
C ILE A 206 -17.24 -5.22 12.84
N SER A 207 -15.97 -5.56 13.05
CA SER A 207 -15.57 -6.76 13.75
C SER A 207 -14.62 -6.38 14.86
N VAL A 208 -14.89 -6.84 16.06
CA VAL A 208 -14.05 -6.51 17.19
C VAL A 208 -13.81 -7.72 18.08
N GLN A 209 -12.59 -7.83 18.60
CA GLN A 209 -12.24 -8.93 19.49
C GLN A 209 -13.05 -8.77 20.77
N HIS A 210 -13.24 -9.85 21.52
CA HIS A 210 -14.04 -9.77 22.74
C HIS A 210 -13.78 -10.85 23.78
N ASN A 211 -14.35 -10.64 24.96
CA ASN A 211 -14.22 -11.58 26.07
C ASN A 211 -15.26 -12.67 25.87
N GLU A 212 -15.08 -13.81 26.54
CA GLU A 212 -16.00 -14.94 26.43
C GLU A 212 -17.42 -14.70 26.97
N ASP A 213 -17.51 -14.09 28.15
CA ASP A 213 -18.77 -13.83 28.81
C ASP A 213 -19.58 -12.65 28.26
N ILE A 214 -19.98 -12.77 27.00
CA ILE A 214 -20.78 -11.75 26.33
C ILE A 214 -21.39 -12.36 25.06
N THR A 215 -22.72 -12.36 25.01
CA THR A 215 -23.47 -12.90 23.89
C THR A 215 -23.33 -12.09 22.60
N LEU A 216 -23.41 -12.78 21.47
CA LEU A 216 -23.31 -12.21 20.14
C LEU A 216 -24.45 -11.22 19.92
N GLU A 217 -25.59 -11.45 20.57
CA GLU A 217 -26.73 -10.54 20.42
C GLU A 217 -26.47 -9.24 21.17
N ALA A 218 -25.84 -9.34 22.34
CA ALA A 218 -25.53 -8.15 23.13
C ALA A 218 -24.43 -7.29 22.50
N MET A 219 -23.50 -7.95 21.82
CA MET A 219 -22.40 -7.26 21.18
C MET A 219 -22.92 -6.44 20.01
N ARG A 220 -23.67 -7.10 19.13
CA ARG A 220 -24.26 -6.45 17.96
C ARG A 220 -25.19 -5.29 18.30
N GLU A 221 -25.82 -5.36 19.46
CA GLU A 221 -26.72 -4.31 19.91
C GLU A 221 -25.90 -3.10 20.35
N ALA A 222 -24.86 -3.35 21.14
CA ALA A 222 -23.98 -2.29 21.63
C ALA A 222 -23.24 -1.59 20.50
N LEU A 223 -22.86 -2.36 19.48
CA LEU A 223 -22.15 -1.82 18.33
C LEU A 223 -23.01 -0.85 17.53
N LYS A 224 -24.30 -1.13 17.45
CA LYS A 224 -25.22 -0.27 16.71
C LYS A 224 -25.63 0.98 17.48
N GLU A 225 -26.01 0.81 18.74
CA GLU A 225 -26.44 1.93 19.56
C GLU A 225 -25.32 2.75 20.17
N GLN A 226 -24.38 2.07 20.84
CA GLN A 226 -23.29 2.77 21.50
C GLN A 226 -22.08 3.22 20.69
N VAL A 227 -21.79 2.55 19.58
CA VAL A 227 -20.64 2.95 18.78
C VAL A 227 -21.01 3.61 17.44
N ILE A 228 -21.80 2.92 16.62
CA ILE A 228 -22.21 3.43 15.32
C ILE A 228 -23.07 4.68 15.39
N LYS A 229 -24.19 4.59 16.10
CA LYS A 229 -25.10 5.73 16.21
C LYS A 229 -24.51 6.86 17.05
N ALA A 230 -23.45 6.59 17.81
CA ALA A 230 -22.84 7.63 18.62
C ALA A 230 -21.74 8.39 17.88
N VAL A 231 -21.44 7.96 16.65
CA VAL A 231 -20.39 8.61 15.86
C VAL A 231 -20.84 9.03 14.46
N VAL A 232 -21.78 8.28 13.90
CA VAL A 232 -22.29 8.58 12.56
C VAL A 232 -23.43 9.59 12.59
N PRO A 233 -23.26 10.74 11.91
CA PRO A 233 -24.25 11.81 11.84
C PRO A 233 -25.62 11.31 11.37
N ALA A 234 -26.66 11.72 12.08
CA ALA A 234 -28.03 11.32 11.79
C ALA A 234 -28.37 11.42 10.32
N LYS A 235 -27.85 12.47 9.70
CA LYS A 235 -28.10 12.72 8.28
C LYS A 235 -27.76 11.53 7.40
N TYR A 236 -26.74 10.77 7.80
CA TYR A 236 -26.32 9.61 7.02
C TYR A 236 -26.94 8.25 7.38
N LEU A 237 -27.40 8.09 8.61
CA LEU A 237 -28.00 6.82 8.99
C LEU A 237 -29.39 6.73 8.38
N ASP A 238 -29.72 5.54 7.88
CA ASP A 238 -31.01 5.30 7.21
C ASP A 238 -31.79 4.14 7.82
N GLU A 239 -32.95 3.86 7.24
CA GLU A 239 -33.80 2.74 7.67
C GLU A 239 -33.39 1.54 6.82
N ASP A 240 -32.59 1.81 5.79
CA ASP A 240 -32.08 0.79 4.88
C ASP A 240 -30.59 0.52 5.07
N THR A 241 -29.91 1.40 5.81
CA THR A 241 -28.47 1.23 6.07
C THR A 241 -28.23 -0.20 6.53
N ILE A 242 -27.30 -0.87 5.87
CA ILE A 242 -26.99 -2.26 6.22
C ILE A 242 -25.89 -2.38 7.27
N TYR A 243 -26.16 -3.17 8.31
CA TYR A 243 -25.21 -3.41 9.37
C TYR A 243 -24.72 -4.85 9.40
N HIS A 244 -23.41 -5.02 9.49
CA HIS A 244 -22.78 -6.33 9.57
C HIS A 244 -21.85 -6.26 10.76
N LEU A 245 -22.41 -6.51 11.93
CA LEU A 245 -21.67 -6.48 13.19
C LEU A 245 -21.27 -7.89 13.59
N GLN A 246 -19.96 -8.13 13.70
CA GLN A 246 -19.44 -9.45 14.07
C GLN A 246 -20.04 -10.48 13.10
N PRO A 247 -19.82 -10.30 11.79
CA PRO A 247 -20.30 -11.15 10.70
C PRO A 247 -19.86 -12.60 10.82
N SER A 248 -18.57 -12.77 11.12
CA SER A 248 -17.98 -14.09 11.24
C SER A 248 -18.23 -14.70 12.61
N GLY A 249 -19.27 -14.22 13.29
CA GLY A 249 -19.59 -14.74 14.63
C GLY A 249 -18.65 -14.29 15.73
N ARG A 250 -17.94 -15.23 16.34
CA ARG A 250 -17.05 -14.91 17.44
C ARG A 250 -15.63 -14.56 16.97
N PHE A 251 -15.01 -13.79 17.85
CA PHE A 251 -13.65 -13.26 17.69
C PHE A 251 -13.12 -13.02 19.10
N VAL A 252 -12.93 -14.13 19.81
CA VAL A 252 -12.54 -14.08 21.24
C VAL A 252 -11.02 -14.01 21.47
N ILE A 253 -10.37 -15.18 21.37
CA ILE A 253 -8.94 -15.30 21.59
C ILE A 253 -8.17 -14.90 20.33
N GLY A 254 -8.89 -14.36 19.35
CA GLY A 254 -8.24 -13.93 18.12
C GLY A 254 -6.98 -13.15 18.40
N GLY A 255 -7.14 -11.91 18.85
CA GLY A 255 -6.00 -11.06 19.17
C GLY A 255 -5.01 -10.82 18.04
N PRO A 256 -3.82 -10.32 18.36
CA PRO A 256 -2.80 -10.06 17.33
C PRO A 256 -2.02 -11.30 17.02
N GLN A 257 -2.53 -12.00 16.03
CA GLN A 257 -1.94 -13.23 15.49
C GLN A 257 -2.01 -13.18 13.96
N GLY A 258 -3.25 -13.29 13.48
CA GLY A 258 -3.59 -13.26 12.04
C GLY A 258 -2.35 -13.59 11.25
N ASP A 259 -1.86 -14.71 11.65
CA ASP A 259 -0.60 -15.27 11.20
C ASP A 259 0.29 -14.21 10.55
N ALA A 260 0.89 -13.51 11.51
CA ALA A 260 2.05 -12.60 11.35
C ALA A 260 1.87 -11.07 11.19
N GLY A 261 1.90 -10.29 12.27
CA GLY A 261 1.86 -8.79 12.18
C GLY A 261 3.10 -8.09 11.64
N VAL A 262 2.90 -7.08 10.78
CA VAL A 262 4.02 -6.37 10.17
C VAL A 262 3.85 -4.85 10.08
N THR A 263 4.99 -4.17 10.00
CA THR A 263 5.04 -2.72 9.91
C THR A 263 4.98 -2.27 8.45
N GLY A 264 4.24 -1.19 8.21
CA GLY A 264 4.12 -0.65 6.87
C GLY A 264 3.23 -1.43 5.90
N ARG A 265 2.43 -2.33 6.44
CA ARG A 265 1.54 -3.13 5.60
C ARG A 265 0.12 -2.59 5.56
N LYS A 266 -0.14 -1.51 6.31
CA LYS A 266 -1.46 -0.90 6.34
C LYS A 266 -1.37 0.52 5.77
N ILE A 267 -0.74 0.61 4.60
CA ILE A 267 -0.49 1.85 3.88
C ILE A 267 -1.69 2.71 3.49
N ILE A 268 -2.79 2.08 3.13
CA ILE A 268 -3.98 2.84 2.72
C ILE A 268 -4.87 3.32 3.87
N VAL A 269 -4.90 2.56 4.97
CA VAL A 269 -5.72 2.98 6.10
C VAL A 269 -5.03 4.09 6.88
N ASP A 270 -3.74 4.30 6.60
CA ASP A 270 -2.94 5.33 7.25
C ASP A 270 -3.06 6.64 6.50
N THR A 271 -3.64 6.59 5.31
CA THR A 271 -3.79 7.79 4.50
C THR A 271 -5.20 8.28 4.21
N TYR A 272 -5.69 8.02 2.99
CA TYR A 272 -7.00 8.49 2.58
C TYR A 272 -8.09 7.45 2.32
N GLY A 273 -7.84 6.19 2.70
CA GLY A 273 -8.83 5.15 2.48
C GLY A 273 -9.08 4.85 1.01
N GLY A 274 -8.05 5.05 0.19
CA GLY A 274 -8.14 4.79 -1.24
C GLY A 274 -8.77 5.90 -2.04
N TRP A 275 -8.69 7.13 -1.54
CA TRP A 275 -9.28 8.24 -2.26
C TRP A 275 -8.31 9.15 -3.02
N GLY A 276 -7.13 9.36 -2.45
CA GLY A 276 -6.19 10.21 -3.12
C GLY A 276 -5.38 9.37 -4.08
N ALA A 277 -4.08 9.31 -3.84
CA ALA A 277 -3.15 8.56 -4.66
C ALA A 277 -2.06 8.17 -3.70
N HIS A 278 -1.39 7.05 -3.98
CA HIS A 278 -0.34 6.60 -3.09
C HIS A 278 0.80 5.96 -3.85
N GLY A 279 2.01 6.46 -3.62
CA GLY A 279 3.19 5.94 -4.29
C GLY A 279 3.71 4.63 -3.69
N GLY A 280 3.25 4.30 -2.49
CA GLY A 280 3.66 3.08 -1.83
C GLY A 280 4.57 3.22 -0.62
N GLY A 281 4.95 4.46 -0.31
CA GLY A 281 5.82 4.68 0.83
C GLY A 281 5.15 4.55 2.19
N ALA A 282 5.80 3.80 3.08
CA ALA A 282 5.30 3.57 4.44
C ALA A 282 5.81 4.65 5.39
N PHE A 283 5.03 4.95 6.42
CA PHE A 283 5.39 5.98 7.39
C PHE A 283 6.09 5.45 8.62
N SER A 284 5.35 4.69 9.42
CA SER A 284 5.82 4.13 10.66
C SER A 284 7.21 3.50 10.65
N GLY A 285 8.02 3.91 11.62
CA GLY A 285 9.38 3.39 11.73
C GLY A 285 10.47 4.25 11.09
N LYS A 286 10.04 5.24 10.32
CA LYS A 286 10.96 6.13 9.63
C LYS A 286 10.95 7.52 10.27
N ASP A 287 12.13 8.09 10.46
CA ASP A 287 12.21 9.41 11.07
C ASP A 287 11.84 10.52 10.09
N TYR A 288 11.91 11.75 10.59
CA TYR A 288 11.55 12.93 9.81
C TYR A 288 12.45 13.26 8.60
N THR A 289 13.58 12.58 8.47
CA THR A 289 14.46 12.86 7.33
C THR A 289 14.06 12.12 6.05
N LYS A 290 13.15 11.16 6.19
CA LYS A 290 12.67 10.40 5.04
C LYS A 290 11.52 11.16 4.40
N VAL A 291 11.70 11.56 3.16
CA VAL A 291 10.68 12.30 2.43
C VAL A 291 9.35 11.55 2.34
N ASP A 292 9.40 10.22 2.48
CA ASP A 292 8.17 9.42 2.43
C ASP A 292 7.18 9.85 3.51
N ARG A 293 7.70 10.29 4.65
CA ARG A 293 6.85 10.72 5.73
C ARG A 293 6.62 12.23 5.70
N SER A 294 7.70 12.98 5.91
CA SER A 294 7.66 14.44 5.93
C SER A 294 6.94 15.09 4.77
N ALA A 295 7.40 14.84 3.56
CA ALA A 295 6.80 15.42 2.37
C ALA A 295 5.35 15.03 2.17
N ALA A 296 4.98 13.84 2.63
CA ALA A 296 3.60 13.37 2.51
C ALA A 296 2.75 14.21 3.45
N TYR A 297 3.30 14.52 4.62
CA TYR A 297 2.61 15.33 5.62
C TYR A 297 2.46 16.76 5.06
N ALA A 298 3.54 17.26 4.46
CA ALA A 298 3.55 18.59 3.89
C ALA A 298 2.49 18.72 2.79
N ALA A 299 2.40 17.69 1.94
CA ALA A 299 1.43 17.69 0.85
C ALA A 299 -0.01 17.71 1.37
N ARG A 300 -0.26 17.02 2.47
CA ARG A 300 -1.59 16.98 3.07
C ARG A 300 -1.88 18.38 3.59
N TRP A 301 -0.86 18.97 4.21
CA TRP A 301 -0.94 20.30 4.79
C TRP A 301 -1.46 21.31 3.76
N VAL A 302 -0.75 21.44 2.65
CA VAL A 302 -1.15 22.38 1.60
C VAL A 302 -2.53 22.06 1.03
N ALA A 303 -2.86 20.77 0.92
CA ALA A 303 -4.15 20.37 0.39
C ALA A 303 -5.24 20.87 1.33
N LYS A 304 -5.09 20.60 2.62
CA LYS A 304 -6.06 21.02 3.62
C LYS A 304 -6.15 22.53 3.67
N SER A 305 -5.01 23.20 3.53
CA SER A 305 -4.96 24.66 3.56
C SER A 305 -5.75 25.25 2.40
N LEU A 306 -5.57 24.68 1.21
CA LEU A 306 -6.26 25.16 0.02
C LEU A 306 -7.79 25.14 0.13
N VAL A 307 -8.34 24.00 0.50
CA VAL A 307 -9.80 23.90 0.63
C VAL A 307 -10.31 24.77 1.77
N LYS A 308 -9.53 24.85 2.85
CA LYS A 308 -9.91 25.64 4.00
C LYS A 308 -9.96 27.12 3.63
N ALA A 309 -9.06 27.51 2.73
CA ALA A 309 -8.98 28.89 2.27
C ALA A 309 -10.00 29.18 1.17
N GLY A 310 -10.94 28.26 0.98
CA GLY A 310 -11.98 28.44 -0.03
C GLY A 310 -11.53 28.38 -1.49
N LEU A 311 -10.25 28.12 -1.70
CA LEU A 311 -9.68 28.06 -3.05
C LEU A 311 -10.09 26.84 -3.87
N CYS A 312 -10.83 25.92 -3.25
CA CYS A 312 -11.30 24.70 -3.91
C CYS A 312 -12.06 23.83 -2.93
N ARG A 313 -12.87 22.90 -3.46
CA ARG A 313 -13.66 21.99 -2.62
C ARG A 313 -13.04 20.60 -2.54
N ARG A 314 -12.07 20.33 -3.41
CA ARG A 314 -11.41 19.05 -3.47
C ARG A 314 -10.11 19.15 -4.25
N VAL A 315 -9.00 18.78 -3.61
CA VAL A 315 -7.69 18.85 -4.23
C VAL A 315 -6.82 17.64 -4.06
N LEU A 316 -5.96 17.45 -5.06
CA LEU A 316 -5.01 16.35 -5.10
C LEU A 316 -3.70 17.02 -5.47
N VAL A 317 -2.97 17.46 -4.46
CA VAL A 317 -1.69 18.12 -4.69
C VAL A 317 -0.62 17.03 -4.85
N GLN A 318 0.21 17.19 -5.86
CA GLN A 318 1.26 16.24 -6.17
C GLN A 318 2.63 16.91 -6.12
N VAL A 319 3.45 16.54 -5.14
CA VAL A 319 4.78 17.14 -5.02
C VAL A 319 5.88 16.13 -5.35
N SER A 320 6.71 16.49 -6.33
CA SER A 320 7.82 15.63 -6.76
C SER A 320 9.17 16.17 -6.29
N TYR A 321 10.07 15.26 -5.93
CA TYR A 321 11.40 15.62 -5.48
C TYR A 321 12.47 14.92 -6.32
N ALA A 322 13.64 15.53 -6.39
CA ALA A 322 14.78 14.98 -7.12
C ALA A 322 15.89 14.70 -6.12
N ILE A 323 16.44 13.50 -6.17
CA ILE A 323 17.51 13.10 -5.27
C ILE A 323 18.68 14.10 -5.33
N GLY A 324 19.03 14.65 -4.17
CA GLY A 324 20.10 15.61 -4.10
C GLY A 324 19.59 17.03 -4.01
N VAL A 325 18.54 17.33 -4.78
CA VAL A 325 17.93 18.67 -4.79
C VAL A 325 17.01 18.90 -3.59
N ALA A 326 17.09 20.10 -3.02
CA ALA A 326 16.26 20.47 -1.87
C ALA A 326 14.88 20.98 -2.29
N GLU A 327 14.87 21.97 -3.18
CA GLU A 327 13.63 22.55 -3.67
C GLU A 327 12.88 21.49 -4.48
N PRO A 328 11.57 21.32 -4.22
CA PRO A 328 10.74 20.34 -4.93
C PRO A 328 10.84 20.44 -6.45
N LEU A 329 10.97 19.28 -7.10
CA LEU A 329 11.08 19.18 -8.54
C LEU A 329 9.71 19.10 -9.22
N SER A 330 8.95 20.20 -9.13
CA SER A 330 7.65 20.30 -9.75
C SER A 330 6.51 19.82 -8.83
N ILE A 331 5.63 20.77 -8.54
CA ILE A 331 4.47 20.47 -7.73
C ILE A 331 3.27 20.68 -8.63
N SER A 332 2.30 19.77 -8.56
CA SER A 332 1.09 19.85 -9.38
C SER A 332 -0.14 19.84 -8.50
N ILE A 333 -1.02 20.80 -8.75
CA ILE A 333 -2.26 20.88 -7.99
C ILE A 333 -3.37 20.32 -8.85
N PHE A 334 -4.14 19.39 -8.28
CA PHE A 334 -5.22 18.80 -9.05
C PHE A 334 -6.59 18.96 -8.37
N THR A 335 -7.24 20.03 -8.79
CA THR A 335 -8.62 20.30 -8.41
C THR A 335 -9.47 19.58 -9.45
N TYR A 336 -10.70 19.27 -9.09
CA TYR A 336 -11.57 18.58 -10.01
C TYR A 336 -12.62 19.56 -10.51
N GLY A 337 -12.17 20.75 -10.90
CA GLY A 337 -13.06 21.78 -11.40
C GLY A 337 -13.86 22.38 -10.25
N THR A 338 -13.31 22.28 -9.05
CA THR A 338 -13.96 22.80 -7.85
C THR A 338 -13.40 24.18 -7.47
N SER A 339 -12.38 24.60 -8.20
CA SER A 339 -11.73 25.89 -7.95
C SER A 339 -12.10 26.94 -8.96
N LYS A 340 -12.15 28.19 -8.52
CA LYS A 340 -12.47 29.29 -9.40
C LYS A 340 -11.16 29.92 -9.87
N LYS A 341 -10.12 29.82 -9.05
CA LYS A 341 -8.81 30.39 -9.38
C LYS A 341 -8.13 29.83 -10.62
N THR A 342 -8.14 28.50 -10.79
CA THR A 342 -7.56 27.87 -11.98
C THR A 342 -6.12 27.43 -11.74
N GLU A 343 -5.90 26.11 -11.80
CA GLU A 343 -4.55 25.56 -11.71
C GLU A 343 -3.54 26.33 -12.53
N ARG A 344 -2.54 26.82 -11.82
CA ARG A 344 -1.50 27.70 -12.30
C ARG A 344 -1.95 29.17 -12.11
N GLU A 345 -2.52 29.29 -10.94
CA GLU A 345 -2.98 30.51 -10.28
C GLU A 345 -2.91 30.07 -8.79
N LEU A 346 -3.31 28.82 -8.60
CA LEU A 346 -3.30 28.17 -7.29
C LEU A 346 -1.89 27.68 -7.03
N LEU A 347 -1.15 27.39 -8.10
CA LEU A 347 0.23 26.94 -7.93
C LEU A 347 1.09 28.08 -7.39
N GLU A 348 0.83 29.29 -7.87
CA GLU A 348 1.55 30.46 -7.41
C GLU A 348 1.13 30.78 -5.97
N VAL A 349 -0.12 30.46 -5.64
CA VAL A 349 -0.60 30.70 -4.29
C VAL A 349 0.19 29.77 -3.37
N VAL A 350 0.44 28.55 -3.84
CA VAL A 350 1.20 27.56 -3.06
C VAL A 350 2.68 27.95 -3.00
N ASN A 351 3.20 28.45 -4.12
CA ASN A 351 4.60 28.85 -4.19
C ASN A 351 4.89 30.14 -3.41
N LYS A 352 3.84 30.88 -3.06
CA LYS A 352 4.01 32.13 -2.31
C LYS A 352 3.68 31.95 -0.83
N ASN A 353 3.08 30.81 -0.50
CA ASN A 353 2.69 30.52 0.88
C ASN A 353 3.46 29.34 1.48
N PHE A 354 4.03 28.49 0.63
CA PHE A 354 4.74 27.30 1.10
C PHE A 354 6.17 27.13 0.58
N ASP A 355 7.02 26.59 1.44
CA ASP A 355 8.41 26.29 1.13
C ASP A 355 8.57 24.81 1.48
N LEU A 356 8.18 23.97 0.52
CA LEU A 356 8.23 22.53 0.69
C LEU A 356 9.59 21.82 0.68
N ARG A 357 10.65 22.54 1.03
CA ARG A 357 11.97 21.90 1.06
C ARG A 357 11.99 21.03 2.30
N PRO A 358 12.55 19.82 2.22
CA PRO A 358 12.63 18.88 3.34
C PRO A 358 12.95 19.48 4.71
N GLY A 359 14.06 20.19 4.79
CA GLY A 359 14.46 20.81 6.05
C GLY A 359 13.45 21.81 6.59
N VAL A 360 12.88 22.62 5.71
CA VAL A 360 11.91 23.62 6.12
C VAL A 360 10.65 22.95 6.64
N ILE A 361 10.28 21.85 5.98
CA ILE A 361 9.09 21.09 6.36
C ILE A 361 9.19 20.63 7.81
N VAL A 362 10.29 19.98 8.15
CA VAL A 362 10.49 19.49 9.51
C VAL A 362 10.49 20.62 10.53
N ARG A 363 11.01 21.78 10.13
CA ARG A 363 11.07 22.93 11.04
C ARG A 363 9.68 23.52 11.23
N ASP A 364 9.00 23.79 10.12
CA ASP A 364 7.66 24.37 10.16
C ASP A 364 6.63 23.43 10.79
N LEU A 365 6.74 22.14 10.52
CA LEU A 365 5.80 21.17 11.06
C LEU A 365 6.22 20.56 12.39
N ASP A 366 7.36 21.01 12.92
CA ASP A 366 7.86 20.53 14.22
C ASP A 366 7.96 19.01 14.19
N LEU A 367 8.59 18.48 13.14
CA LEU A 367 8.74 17.03 12.98
C LEU A 367 9.79 16.33 13.81
N LYS A 368 10.43 17.02 14.74
CA LYS A 368 11.44 16.40 15.59
C LYS A 368 10.80 16.05 16.91
N LYS A 369 9.51 16.35 17.02
CA LYS A 369 8.75 16.10 18.23
C LYS A 369 8.24 14.65 18.25
N PRO A 370 8.23 13.99 19.43
CA PRO A 370 7.76 12.61 19.52
C PRO A 370 6.23 12.47 19.53
N ILE A 371 5.59 12.62 18.38
CA ILE A 371 4.13 12.50 18.27
C ILE A 371 3.80 11.35 17.33
N TYR A 372 4.84 10.69 16.84
CA TYR A 372 4.69 9.59 15.90
C TYR A 372 3.89 8.34 16.32
N GLN A 373 3.89 8.01 17.61
CA GLN A 373 3.14 6.84 18.05
C GLN A 373 1.64 7.03 17.90
N LYS A 374 1.15 8.21 18.25
CA LYS A 374 -0.28 8.50 18.12
C LYS A 374 -0.66 8.64 16.66
N THR A 375 0.36 8.72 15.81
CA THR A 375 0.12 8.86 14.38
C THR A 375 0.04 7.47 13.78
N ALA A 376 0.58 6.50 14.52
CA ALA A 376 0.61 5.09 14.11
C ALA A 376 -0.69 4.31 14.11
N CYS A 377 -1.80 4.97 14.42
CA CYS A 377 -3.08 4.28 14.43
C CYS A 377 -4.23 5.26 14.27
N TYR A 378 -5.32 4.77 13.70
CA TYR A 378 -6.49 5.60 13.45
C TYR A 378 -6.24 6.67 12.38
N GLY A 379 -5.21 6.45 11.55
CA GLY A 379 -4.91 7.37 10.49
C GLY A 379 -3.96 8.54 10.76
N HIS A 380 -3.12 8.83 9.78
CA HIS A 380 -2.16 9.92 9.88
C HIS A 380 -2.80 11.26 9.52
N PHE A 381 -3.82 11.22 8.66
CA PHE A 381 -4.49 12.44 8.22
C PHE A 381 -5.90 12.55 8.77
N GLY A 382 -6.29 13.78 9.12
CA GLY A 382 -7.62 14.01 9.63
C GLY A 382 -7.64 14.66 11.00
N ARG A 383 -6.93 14.06 11.96
CA ARG A 383 -6.86 14.59 13.31
C ARG A 383 -6.11 15.92 13.39
N SER A 384 -6.81 16.93 13.89
CA SER A 384 -6.27 18.28 14.03
C SER A 384 -5.08 18.48 14.97
N GLU A 385 -4.87 17.52 15.87
CA GLU A 385 -3.78 17.62 16.83
C GLU A 385 -2.39 17.50 16.23
N PHE A 386 -2.31 17.22 14.93
CA PHE A 386 -1.04 17.09 14.22
C PHE A 386 -0.73 18.38 13.45
N PRO A 387 0.52 18.85 13.50
CA PRO A 387 0.97 20.06 12.82
C PRO A 387 0.48 20.22 11.39
N TRP A 388 0.66 19.18 10.59
CA TRP A 388 0.24 19.20 9.20
C TRP A 388 -1.29 19.31 9.00
N GLU A 389 -2.04 19.15 10.09
CA GLU A 389 -3.51 19.26 10.03
C GLU A 389 -4.03 20.64 10.39
N VAL A 390 -3.12 21.55 10.70
CA VAL A 390 -3.45 22.93 11.04
C VAL A 390 -3.27 23.71 9.75
N PRO A 391 -4.36 24.19 9.15
CA PRO A 391 -4.34 24.94 7.90
C PRO A 391 -3.49 26.21 7.97
N LYS A 392 -2.69 26.44 6.95
CA LYS A 392 -1.86 27.63 6.92
C LYS A 392 -2.76 28.77 6.45
N LYS A 393 -2.42 30.00 6.80
CA LYS A 393 -3.22 31.17 6.43
C LYS A 393 -3.56 31.29 4.95
N LEU A 394 -2.53 31.32 4.11
CA LEU A 394 -2.68 31.48 2.66
C LEU A 394 -3.09 32.91 2.32
N VAL A 395 -2.09 33.74 2.06
CA VAL A 395 -2.30 35.15 1.73
C VAL A 395 -2.81 35.39 0.29
N PHE A 396 -2.89 34.32 -0.50
CA PHE A 396 -3.36 34.39 -1.90
C PHE A 396 -2.33 35.09 -2.80
N GLY B 17 -1.12 19.91 -20.79
CA GLY B 17 -1.37 20.35 -19.37
C GLY B 17 -0.32 19.80 -18.37
N ALA B 18 0.90 19.95 -18.78
CA ALA B 18 2.12 19.46 -18.10
C ALA B 18 2.07 19.17 -16.60
N PHE B 19 2.76 18.09 -16.24
CA PHE B 19 2.91 17.58 -14.88
C PHE B 19 3.88 16.42 -15.00
N MET B 20 4.56 16.08 -13.91
CA MET B 20 5.48 14.96 -13.96
C MET B 20 5.05 13.83 -13.03
N PHE B 21 5.57 12.63 -13.25
CA PHE B 21 5.20 11.49 -12.44
C PHE B 21 6.38 10.54 -12.27
N THR B 22 6.41 9.85 -11.13
CA THR B 22 7.47 8.91 -10.80
C THR B 22 6.87 7.60 -10.30
N SER B 23 7.55 6.51 -10.62
CA SER B 23 7.13 5.18 -10.20
C SER B 23 8.35 4.35 -9.92
N GLU B 24 8.16 3.28 -9.15
CA GLU B 24 9.28 2.43 -8.80
C GLU B 24 8.98 0.96 -8.88
N SER B 25 10.04 0.15 -8.83
CA SER B 25 9.94 -1.30 -8.89
C SER B 25 11.17 -1.88 -8.24
N VAL B 26 11.07 -3.15 -7.86
CA VAL B 26 12.17 -3.84 -7.20
C VAL B 26 12.43 -5.19 -7.84
N GLY B 27 13.67 -5.64 -7.76
CA GLY B 27 14.04 -6.90 -8.33
C GLY B 27 13.58 -8.08 -7.51
N GLU B 28 13.81 -9.28 -8.05
CA GLU B 28 13.41 -10.52 -7.39
C GLU B 28 14.16 -10.75 -6.09
N GLY B 29 15.25 -10.00 -5.92
CA GLY B 29 16.05 -10.13 -4.71
C GLY B 29 15.63 -9.25 -3.55
N HIS B 30 14.73 -8.32 -3.81
CA HIS B 30 14.29 -7.41 -2.77
C HIS B 30 13.60 -8.25 -1.70
N PRO B 31 13.97 -8.06 -0.43
CA PRO B 31 13.43 -8.78 0.72
C PRO B 31 11.91 -8.99 0.67
N ASP B 32 11.18 -7.91 0.43
CA ASP B 32 9.73 -8.00 0.36
C ASP B 32 9.28 -8.87 -0.81
N LYS B 33 9.93 -8.70 -1.96
CA LYS B 33 9.57 -9.48 -3.14
C LYS B 33 9.93 -10.96 -3.04
N ILE B 34 10.91 -11.28 -2.20
CA ILE B 34 11.31 -12.66 -2.02
C ILE B 34 10.17 -13.37 -1.29
N CYS B 35 9.60 -12.66 -0.32
CA CYS B 35 8.49 -13.17 0.48
C CYS B 35 7.23 -13.29 -0.37
N ASP B 36 7.02 -12.32 -1.27
CA ASP B 36 5.85 -12.35 -2.14
C ASP B 36 5.93 -13.56 -3.03
N GLN B 37 7.14 -13.83 -3.52
CA GLN B 37 7.38 -14.98 -4.40
C GLN B 37 7.27 -16.32 -3.67
N ILE B 38 7.92 -16.43 -2.51
CA ILE B 38 7.88 -17.65 -1.73
C ILE B 38 6.45 -17.98 -1.35
N SER B 39 5.68 -16.96 -0.97
CA SER B 39 4.28 -17.16 -0.58
C SER B 39 3.45 -17.66 -1.76
N ASP B 40 3.71 -17.11 -2.95
CA ASP B 40 2.99 -17.54 -4.14
C ASP B 40 3.49 -18.88 -4.64
N ALA B 41 4.74 -19.21 -4.32
CA ALA B 41 5.32 -20.47 -4.73
C ALA B 41 4.61 -21.57 -3.97
N VAL B 42 4.28 -21.29 -2.71
CA VAL B 42 3.58 -22.27 -1.87
C VAL B 42 2.16 -22.40 -2.40
N LEU B 43 1.64 -21.31 -2.96
CA LEU B 43 0.29 -21.32 -3.52
C LEU B 43 0.28 -22.20 -4.78
N ASP B 44 1.29 -22.03 -5.62
CA ASP B 44 1.41 -22.81 -6.86
C ASP B 44 1.54 -24.29 -6.51
N ALA B 45 2.47 -24.58 -5.61
CA ALA B 45 2.72 -25.95 -5.18
C ALA B 45 1.47 -26.70 -4.72
N HIS B 46 0.47 -25.97 -4.26
CA HIS B 46 -0.75 -26.60 -3.80
C HIS B 46 -1.77 -26.75 -4.93
N LEU B 47 -1.86 -25.71 -5.77
CA LEU B 47 -2.80 -25.72 -6.90
C LEU B 47 -2.52 -26.86 -7.86
N LYS B 48 -1.24 -27.22 -7.99
CA LYS B 48 -0.84 -28.29 -8.89
C LYS B 48 -1.40 -29.65 -8.50
N GLN B 49 -1.64 -29.85 -7.21
CA GLN B 49 -2.16 -31.13 -6.72
C GLN B 49 -3.58 -31.04 -6.17
N ASP B 50 -4.06 -29.82 -6.03
CA ASP B 50 -5.41 -29.59 -5.50
C ASP B 50 -5.82 -28.17 -5.86
N PRO B 51 -6.41 -27.99 -7.04
CA PRO B 51 -6.88 -26.71 -7.57
C PRO B 51 -7.94 -26.01 -6.71
N ASN B 52 -8.35 -26.69 -5.65
CA ASN B 52 -9.34 -26.10 -4.75
C ASN B 52 -8.70 -25.83 -3.40
N ALA B 53 -7.38 -25.99 -3.33
CA ALA B 53 -6.64 -25.77 -2.09
C ALA B 53 -6.90 -24.35 -1.61
N LYS B 54 -7.15 -24.22 -0.31
CA LYS B 54 -7.39 -22.92 0.29
C LYS B 54 -6.06 -22.45 0.88
N VAL B 55 -5.47 -21.46 0.22
CA VAL B 55 -4.19 -20.91 0.63
C VAL B 55 -4.25 -19.50 1.19
N ALA B 56 -3.66 -19.35 2.37
CA ALA B 56 -3.59 -18.08 3.06
C ALA B 56 -2.31 -18.13 3.85
N CYS B 57 -1.20 -17.80 3.19
CA CYS B 57 0.10 -17.80 3.84
C CYS B 57 0.90 -16.56 3.54
N GLU B 58 1.92 -16.30 4.36
CA GLU B 58 2.81 -15.16 4.19
C GLU B 58 4.20 -15.55 4.67
N THR B 59 5.20 -14.82 4.20
CA THR B 59 6.60 -15.09 4.53
C THR B 59 7.31 -13.87 5.10
N VAL B 60 8.32 -14.14 5.91
CA VAL B 60 9.13 -13.11 6.55
C VAL B 60 10.56 -13.61 6.42
N CYS B 61 11.47 -12.72 6.03
CA CYS B 61 12.87 -13.13 5.90
C CYS B 61 13.81 -12.09 6.48
N LYS B 62 14.99 -12.55 6.88
CA LYS B 62 15.99 -11.68 7.47
C LYS B 62 17.35 -12.41 7.53
N THR B 63 18.22 -12.08 6.57
CA THR B 63 19.57 -12.66 6.47
C THR B 63 19.66 -14.17 6.70
N GLY B 64 19.41 -14.95 5.67
CA GLY B 64 19.51 -16.39 5.82
C GLY B 64 18.58 -16.95 6.87
N MET B 65 17.36 -16.40 6.92
CA MET B 65 16.35 -16.83 7.87
C MET B 65 14.99 -16.52 7.26
N VAL B 66 14.28 -17.57 6.87
CA VAL B 66 12.98 -17.45 6.25
C VAL B 66 11.91 -18.09 7.11
N LEU B 67 10.86 -17.33 7.40
CA LEU B 67 9.77 -17.83 8.22
C LEU B 67 8.51 -17.94 7.40
N LEU B 68 7.99 -19.15 7.30
CA LEU B 68 6.77 -19.40 6.54
C LEU B 68 5.64 -19.52 7.56
N CYS B 69 4.69 -18.59 7.47
CA CYS B 69 3.53 -18.60 8.35
C CYS B 69 2.30 -18.81 7.49
N GLY B 70 1.18 -19.16 8.11
CA GLY B 70 -0.02 -19.35 7.32
C GLY B 70 -0.97 -20.48 7.71
N GLU B 71 -2.18 -20.37 7.17
CA GLU B 71 -3.25 -21.34 7.38
C GLU B 71 -3.70 -21.78 6.00
N ILE B 72 -3.41 -23.02 5.66
CA ILE B 72 -3.82 -23.52 4.35
C ILE B 72 -4.53 -24.86 4.40
N THR B 73 -5.79 -24.83 3.98
CA THR B 73 -6.62 -26.03 3.96
C THR B 73 -6.50 -26.62 2.58
N SER B 74 -5.74 -27.70 2.48
CA SER B 74 -5.53 -28.37 1.21
C SER B 74 -5.36 -29.87 1.40
N MET B 75 -5.32 -30.58 0.27
CA MET B 75 -5.14 -32.02 0.28
C MET B 75 -4.08 -32.37 -0.77
N ALA B 76 -2.86 -31.94 -0.51
CA ALA B 76 -1.73 -32.20 -1.39
C ALA B 76 -0.48 -32.31 -0.52
N MET B 77 0.43 -33.19 -0.91
CA MET B 77 1.67 -33.37 -0.15
C MET B 77 2.77 -32.46 -0.67
N ILE B 78 3.11 -31.45 0.14
CA ILE B 78 4.13 -30.49 -0.23
C ILE B 78 5.33 -30.44 0.71
N ASP B 79 6.52 -30.33 0.12
CA ASP B 79 7.76 -30.24 0.87
C ASP B 79 8.10 -28.74 0.93
N TYR B 80 7.63 -28.08 1.99
CA TYR B 80 7.86 -26.65 2.15
C TYR B 80 9.32 -26.24 2.12
N GLN B 81 10.20 -27.09 2.62
CA GLN B 81 11.62 -26.81 2.60
C GLN B 81 12.04 -26.69 1.15
N ARG B 82 11.55 -27.62 0.34
CA ARG B 82 11.86 -27.67 -1.09
C ARG B 82 11.30 -26.45 -1.85
N VAL B 83 10.04 -26.12 -1.61
CA VAL B 83 9.43 -24.99 -2.31
C VAL B 83 10.01 -23.63 -1.90
N VAL B 84 10.52 -23.53 -0.69
CA VAL B 84 11.09 -22.28 -0.21
C VAL B 84 12.52 -22.14 -0.74
N ARG B 85 13.31 -23.20 -0.58
CA ARG B 85 14.68 -23.20 -1.04
C ARG B 85 14.80 -23.11 -2.56
N ASP B 86 13.87 -23.75 -3.27
CA ASP B 86 13.88 -23.69 -4.72
C ASP B 86 13.61 -22.27 -5.20
N THR B 87 12.72 -21.58 -4.51
CA THR B 87 12.37 -20.21 -4.86
C THR B 87 13.54 -19.27 -4.62
N ILE B 88 14.31 -19.52 -3.57
CA ILE B 88 15.46 -18.70 -3.26
C ILE B 88 16.55 -18.94 -4.30
N LYS B 89 16.64 -20.20 -4.75
CA LYS B 89 17.63 -20.59 -5.76
C LYS B 89 17.28 -19.90 -7.07
N HIS B 90 16.01 -19.96 -7.45
CA HIS B 90 15.50 -19.34 -8.67
C HIS B 90 15.86 -17.87 -8.72
N ILE B 91 15.70 -17.21 -7.58
CA ILE B 91 15.98 -15.79 -7.47
C ILE B 91 17.46 -15.49 -7.72
N GLY B 92 18.32 -16.47 -7.44
CA GLY B 92 19.75 -16.25 -7.65
C GLY B 92 20.60 -16.25 -6.39
N TYR B 93 20.04 -16.75 -5.30
CA TYR B 93 20.77 -16.82 -4.04
C TYR B 93 21.30 -18.21 -3.81
N ASP B 94 22.50 -18.45 -4.32
CA ASP B 94 23.18 -19.73 -4.20
C ASP B 94 24.51 -19.64 -3.47
N ASP B 95 25.10 -18.45 -3.49
CA ASP B 95 26.38 -18.23 -2.82
C ASP B 95 26.20 -17.49 -1.50
N SER B 96 27.19 -17.64 -0.63
CA SER B 96 27.20 -17.03 0.70
C SER B 96 27.17 -15.49 0.74
N ALA B 97 28.19 -14.87 0.15
CA ALA B 97 28.34 -13.41 0.13
C ALA B 97 27.15 -12.61 -0.43
N LYS B 98 26.27 -13.27 -1.17
CA LYS B 98 25.11 -12.60 -1.76
C LYS B 98 24.02 -12.21 -0.75
N GLY B 99 24.18 -12.66 0.50
CA GLY B 99 23.21 -12.36 1.53
C GLY B 99 22.13 -13.41 1.69
N PHE B 100 22.30 -14.52 0.99
CA PHE B 100 21.34 -15.62 1.04
C PHE B 100 21.85 -16.81 0.25
N ASP B 101 21.67 -18.01 0.81
CA ASP B 101 22.10 -19.23 0.15
C ASP B 101 21.05 -20.29 0.46
N PHE B 102 20.26 -20.64 -0.55
CA PHE B 102 19.21 -21.63 -0.39
C PHE B 102 19.63 -22.93 0.28
N LYS B 103 20.93 -23.25 0.20
CA LYS B 103 21.45 -24.48 0.80
C LYS B 103 21.76 -24.35 2.29
N THR B 104 21.99 -23.12 2.72
CA THR B 104 22.35 -22.88 4.12
C THR B 104 21.37 -22.07 4.97
N CYS B 105 20.49 -21.31 4.32
CA CYS B 105 19.54 -20.48 5.06
C CYS B 105 18.55 -21.26 5.94
N ASN B 106 18.14 -20.61 7.02
CA ASN B 106 17.19 -21.18 7.97
C ASN B 106 15.76 -21.01 7.49
N VAL B 107 15.10 -22.14 7.23
CA VAL B 107 13.72 -22.12 6.77
C VAL B 107 12.83 -22.64 7.89
N LEU B 108 12.32 -21.72 8.70
CA LEU B 108 11.45 -22.07 9.81
C LEU B 108 10.01 -22.07 9.32
N VAL B 109 9.41 -23.25 9.26
CA VAL B 109 8.03 -23.40 8.80
C VAL B 109 7.05 -23.53 9.95
N ALA B 110 6.24 -22.49 10.17
CA ALA B 110 5.23 -22.47 11.22
C ALA B 110 3.84 -22.54 10.60
N LEU B 111 3.79 -23.22 9.47
CA LEU B 111 2.59 -23.38 8.63
C LEU B 111 1.64 -24.42 9.21
N GLU B 112 0.33 -24.09 9.19
CA GLU B 112 -0.72 -24.98 9.70
C GLU B 112 -1.52 -25.50 8.49
N GLN B 113 -1.49 -26.81 8.23
CA GLN B 113 -2.22 -27.35 7.07
C GLN B 113 -3.29 -28.40 7.40
N GLN B 114 -4.56 -28.10 7.08
CA GLN B 114 -5.65 -29.05 7.35
C GLN B 114 -5.71 -30.05 6.19
N SER B 115 -6.89 -30.58 5.91
CA SER B 115 -7.07 -31.55 4.83
C SER B 115 -8.35 -31.45 4.01
N PRO B 116 -9.53 -31.30 4.63
CA PRO B 116 -10.82 -31.21 3.92
C PRO B 116 -11.25 -29.76 3.64
N GLU B 129 -20.43 -21.07 -9.28
CA GLU B 129 -20.56 -19.94 -10.25
C GLU B 129 -21.20 -18.74 -9.57
N ASP B 130 -22.18 -19.00 -8.72
CA ASP B 130 -22.89 -17.94 -8.01
C ASP B 130 -22.58 -18.02 -6.52
N VAL B 131 -21.31 -18.25 -6.21
CA VAL B 131 -20.81 -18.38 -4.83
C VAL B 131 -21.23 -17.26 -3.87
N GLY B 132 -20.60 -16.11 -4.00
CA GLY B 132 -20.91 -15.00 -3.11
C GLY B 132 -19.64 -14.41 -2.56
N ALA B 133 -19.39 -13.15 -2.91
CA ALA B 133 -18.21 -12.41 -2.48
C ALA B 133 -17.95 -12.35 -0.98
N GLY B 134 -16.75 -12.78 -0.61
CA GLY B 134 -16.32 -12.72 0.79
C GLY B 134 -15.86 -11.31 1.10
N ASP B 135 -16.21 -10.80 2.29
CA ASP B 135 -15.80 -9.51 2.80
C ASP B 135 -16.26 -8.36 1.92
N GLN B 136 -17.08 -7.45 2.45
CA GLN B 136 -17.30 -6.16 1.80
C GLN B 136 -16.02 -5.70 1.11
N GLY B 137 -16.11 -5.26 -0.14
CA GLY B 137 -14.90 -4.83 -0.80
C GLY B 137 -15.12 -3.80 -1.88
N LEU B 138 -14.02 -3.23 -2.35
CA LEU B 138 -14.04 -2.23 -3.39
C LEU B 138 -12.73 -2.37 -4.16
N MET B 139 -12.79 -2.97 -5.35
CA MET B 139 -11.61 -3.15 -6.18
C MET B 139 -11.55 -2.10 -7.28
N PHE B 140 -10.33 -1.76 -7.67
CA PHE B 140 -10.09 -0.77 -8.71
C PHE B 140 -9.42 -1.39 -9.92
N GLY B 141 -9.63 -0.76 -11.07
CA GLY B 141 -9.03 -1.23 -12.31
C GLY B 141 -8.56 -0.02 -13.07
N TYR B 142 -7.41 -0.14 -13.74
CA TYR B 142 -6.88 1.00 -14.48
C TYR B 142 -6.19 0.61 -15.77
N ALA B 143 -6.27 1.50 -16.75
CA ALA B 143 -5.69 1.30 -18.07
C ALA B 143 -5.56 2.62 -18.80
N THR B 144 -4.50 2.74 -19.58
CA THR B 144 -4.24 3.95 -20.37
C THR B 144 -3.53 3.54 -21.65
N ASP B 145 -3.82 4.23 -22.76
CA ASP B 145 -3.20 3.89 -24.03
C ASP B 145 -1.80 4.43 -24.32
N GLU B 146 -1.13 4.95 -23.30
CA GLU B 146 0.21 5.51 -23.50
C GLU B 146 1.27 4.47 -23.83
N THR B 147 0.93 3.20 -23.65
CA THR B 147 1.85 2.10 -23.96
C THR B 147 1.01 0.94 -24.46
N GLU B 148 1.62 0.02 -25.21
CA GLU B 148 0.90 -1.12 -25.74
C GLU B 148 0.36 -2.04 -24.62
N GLU B 149 1.01 -2.00 -23.46
CA GLU B 149 0.58 -2.82 -22.32
C GLU B 149 -0.68 -2.26 -21.65
N CYS B 150 -1.00 -1.00 -21.94
CA CYS B 150 -2.15 -0.31 -21.36
C CYS B 150 -1.89 0.02 -19.88
N MET B 151 -0.62 0.29 -19.60
CA MET B 151 -0.14 0.62 -18.27
C MET B 151 0.72 1.89 -18.33
N PRO B 152 0.78 2.65 -17.24
CA PRO B 152 1.57 3.89 -17.18
C PRO B 152 3.00 3.66 -17.63
N LEU B 153 3.51 4.56 -18.45
CA LEU B 153 4.87 4.43 -18.97
C LEU B 153 5.88 4.34 -17.83
N THR B 154 5.67 5.18 -16.83
CA THR B 154 6.55 5.25 -15.68
C THR B 154 6.75 3.91 -14.95
N ILE B 155 5.66 3.19 -14.72
CA ILE B 155 5.76 1.90 -14.04
C ILE B 155 6.21 0.78 -14.98
N VAL B 156 5.84 0.89 -16.26
CA VAL B 156 6.23 -0.12 -17.24
C VAL B 156 7.74 -0.14 -17.40
N LEU B 157 8.31 1.05 -17.57
CA LEU B 157 9.76 1.19 -17.73
C LEU B 157 10.47 0.73 -16.46
N ALA B 158 9.91 1.09 -15.32
CA ALA B 158 10.46 0.73 -14.02
C ALA B 158 10.57 -0.79 -13.88
N HIS B 159 9.53 -1.50 -14.33
CA HIS B 159 9.50 -2.94 -14.28
C HIS B 159 10.47 -3.54 -15.29
N LYS B 160 10.36 -3.12 -16.54
CA LYS B 160 11.21 -3.59 -17.61
C LYS B 160 12.69 -3.39 -17.32
N LEU B 161 13.00 -2.32 -16.59
CA LEU B 161 14.38 -2.01 -16.24
C LEU B 161 14.94 -3.12 -15.35
N ASN B 162 14.15 -3.55 -14.38
CA ASN B 162 14.54 -4.63 -13.46
C ASN B 162 14.55 -5.97 -14.19
N THR B 163 13.60 -6.15 -15.12
CA THR B 163 13.48 -7.40 -15.88
C THR B 163 14.73 -7.63 -16.72
N ARG B 164 15.19 -6.58 -17.39
CA ARG B 164 16.38 -6.66 -18.23
C ARG B 164 17.62 -7.05 -17.42
N MET B 165 17.73 -6.52 -16.21
CA MET B 165 18.88 -6.80 -15.37
C MET B 165 18.94 -8.27 -14.97
N ALA B 166 17.77 -8.88 -14.79
CA ALA B 166 17.67 -10.29 -14.42
C ALA B 166 18.07 -11.13 -15.62
N ASP B 167 17.73 -10.65 -16.82
CA ASP B 167 18.07 -11.36 -18.05
C ASP B 167 19.58 -11.40 -18.20
N LEU B 168 20.21 -10.22 -18.14
CA LEU B 168 21.67 -10.10 -18.25
C LEU B 168 22.38 -10.87 -17.14
N ARG B 169 21.70 -11.02 -16.01
CA ARG B 169 22.24 -11.74 -14.87
C ARG B 169 22.23 -13.23 -15.18
N ARG B 170 21.07 -13.72 -15.62
CA ARG B 170 20.89 -15.13 -15.96
C ARG B 170 21.53 -15.60 -17.28
N SER B 171 21.74 -14.65 -18.19
CA SER B 171 22.35 -14.98 -19.47
C SER B 171 23.86 -15.10 -19.31
N GLY B 172 24.43 -14.19 -18.54
CA GLY B 172 25.86 -14.19 -18.30
C GLY B 172 26.50 -12.88 -18.77
N VAL B 173 25.75 -12.13 -19.57
CA VAL B 173 26.21 -10.85 -20.12
C VAL B 173 26.80 -9.91 -19.06
N LEU B 174 26.11 -9.81 -17.92
CA LEU B 174 26.55 -8.98 -16.81
C LEU B 174 26.57 -9.93 -15.60
N PRO B 175 27.66 -10.70 -15.44
CA PRO B 175 27.85 -11.67 -14.35
C PRO B 175 28.10 -11.09 -12.95
N TRP B 176 28.23 -9.77 -12.87
CA TRP B 176 28.48 -9.12 -11.57
C TRP B 176 27.17 -8.70 -10.95
N LEU B 177 26.12 -8.74 -11.75
CA LEU B 177 24.77 -8.39 -11.32
C LEU B 177 24.22 -9.40 -10.32
N ARG B 178 23.67 -8.88 -9.22
CA ARG B 178 23.06 -9.70 -8.16
C ARG B 178 21.54 -9.47 -8.08
N PRO B 179 20.79 -10.42 -7.51
CA PRO B 179 19.34 -10.41 -7.36
C PRO B 179 18.62 -9.12 -6.89
N ASP B 180 19.07 -8.54 -5.78
CA ASP B 180 18.44 -7.34 -5.25
C ASP B 180 18.70 -6.06 -6.03
N SER B 181 17.61 -5.40 -6.40
CA SER B 181 17.66 -4.15 -7.15
C SER B 181 16.43 -3.28 -6.88
N LYS B 182 16.54 -2.00 -7.20
CA LYS B 182 15.45 -1.03 -7.04
C LYS B 182 15.50 -0.08 -8.22
N THR B 183 14.34 0.25 -8.77
CA THR B 183 14.26 1.13 -9.92
C THR B 183 13.23 2.21 -9.76
N GLN B 184 13.55 3.39 -10.28
CA GLN B 184 12.66 4.56 -10.23
C GLN B 184 12.72 5.24 -11.56
N VAL B 185 11.55 5.52 -12.13
CA VAL B 185 11.48 6.20 -13.40
C VAL B 185 10.50 7.37 -13.30
N THR B 186 10.98 8.56 -13.63
CA THR B 186 10.13 9.74 -13.58
C THR B 186 10.04 10.34 -14.98
N VAL B 187 8.83 10.37 -15.51
CA VAL B 187 8.55 10.86 -16.85
C VAL B 187 7.72 12.13 -16.85
N GLN B 188 8.08 13.07 -17.74
CA GLN B 188 7.36 14.33 -17.88
C GLN B 188 6.18 14.11 -18.80
N TYR B 189 5.00 14.51 -18.34
CA TYR B 189 3.78 14.34 -19.12
C TYR B 189 3.15 15.64 -19.62
N VAL B 190 2.00 15.46 -20.27
CA VAL B 190 1.19 16.53 -20.85
C VAL B 190 -0.16 15.94 -21.19
N GLN B 191 -1.24 16.55 -20.69
CA GLN B 191 -2.58 16.09 -20.97
C GLN B 191 -2.93 16.26 -22.45
N ASP B 192 -4.13 15.86 -22.82
CA ASP B 192 -4.58 15.98 -24.20
C ASP B 192 -6.08 15.79 -24.34
N ASN B 193 -6.83 16.89 -24.21
CA ASN B 193 -8.28 16.90 -24.31
C ASN B 193 -8.89 15.53 -24.06
N GLY B 194 -8.39 14.95 -23.00
CA GLY B 194 -8.79 13.64 -22.56
C GLY B 194 -7.81 13.25 -21.47
N ALA B 195 -6.64 12.76 -21.88
CA ALA B 195 -5.65 12.43 -20.87
C ALA B 195 -4.39 11.64 -21.30
N VAL B 196 -3.44 12.02 -20.48
CA VAL B 196 -2.07 11.52 -20.26
C VAL B 196 -1.23 11.00 -21.41
N ILE B 197 -0.34 11.88 -21.86
CA ILE B 197 0.59 11.56 -22.93
C ILE B 197 2.03 11.79 -22.46
N PRO B 198 2.87 10.74 -22.39
CA PRO B 198 4.26 10.87 -21.96
C PRO B 198 5.09 11.61 -22.99
N VAL B 199 5.98 12.48 -22.51
CA VAL B 199 6.83 13.26 -23.40
C VAL B 199 8.28 12.82 -23.40
N ARG B 200 8.85 12.63 -22.21
CA ARG B 200 10.25 12.20 -22.11
C ARG B 200 10.60 11.73 -20.70
N VAL B 201 11.66 10.95 -20.60
CA VAL B 201 12.12 10.44 -19.31
C VAL B 201 12.98 11.52 -18.68
N HIS B 202 12.47 12.14 -17.62
CA HIS B 202 13.17 13.21 -16.93
C HIS B 202 14.42 12.70 -16.23
N THR B 203 14.24 11.67 -15.41
CA THR B 203 15.36 11.07 -14.68
C THR B 203 15.10 9.60 -14.35
N ILE B 204 16.18 8.84 -14.25
CA ILE B 204 16.13 7.42 -13.95
C ILE B 204 17.09 7.10 -12.81
N VAL B 205 16.59 6.39 -11.80
CA VAL B 205 17.40 6.01 -10.66
C VAL B 205 17.35 4.50 -10.54
N ILE B 206 18.52 3.88 -10.58
CA ILE B 206 18.60 2.44 -10.50
C ILE B 206 19.74 1.99 -9.62
N SER B 207 19.42 1.09 -8.69
CA SER B 207 20.37 0.54 -7.74
C SER B 207 20.27 -0.97 -7.81
N VAL B 208 21.42 -1.63 -7.95
CA VAL B 208 21.43 -3.08 -8.04
C VAL B 208 22.58 -3.67 -7.23
N GLN B 209 22.32 -4.81 -6.60
CA GLN B 209 23.34 -5.49 -5.81
C GLN B 209 24.41 -5.98 -6.77
N HIS B 210 25.62 -6.22 -6.27
CA HIS B 210 26.71 -6.66 -7.14
C HIS B 210 27.85 -7.40 -6.46
N ASN B 211 28.70 -7.99 -7.30
CA ASN B 211 29.87 -8.72 -6.83
C ASN B 211 30.97 -7.71 -6.55
N GLU B 212 31.98 -8.12 -5.78
CA GLU B 212 33.09 -7.24 -5.41
C GLU B 212 33.99 -6.81 -6.57
N ASP B 213 34.36 -7.77 -7.41
CA ASP B 213 35.24 -7.53 -8.55
C ASP B 213 34.61 -6.82 -9.74
N ILE B 214 34.17 -5.59 -9.52
CA ILE B 214 33.56 -4.79 -10.56
C ILE B 214 33.51 -3.32 -10.09
N THR B 215 34.17 -2.45 -10.84
CA THR B 215 34.25 -1.03 -10.55
C THR B 215 32.92 -0.28 -10.70
N LEU B 216 32.74 0.75 -9.87
CA LEU B 216 31.56 1.58 -9.87
C LEU B 216 31.39 2.26 -11.24
N GLU B 217 32.51 2.54 -11.90
CA GLU B 217 32.46 3.18 -13.22
C GLU B 217 31.96 2.22 -14.29
N ALA B 218 32.37 0.96 -14.17
CA ALA B 218 31.94 -0.06 -15.14
C ALA B 218 30.47 -0.42 -14.97
N MET B 219 29.98 -0.37 -13.74
CA MET B 219 28.60 -0.70 -13.44
C MET B 219 27.68 0.35 -14.04
N ARG B 220 27.97 1.60 -13.70
CA ARG B 220 27.19 2.74 -14.20
C ARG B 220 27.15 2.84 -15.73
N GLU B 221 28.22 2.37 -16.37
CA GLU B 221 28.30 2.39 -17.82
C GLU B 221 27.38 1.33 -18.41
N ALA B 222 27.45 0.12 -17.84
CA ALA B 222 26.63 -1.00 -18.27
C ALA B 222 25.14 -0.74 -18.05
N LEU B 223 24.82 -0.06 -16.95
CA LEU B 223 23.43 0.25 -16.62
C LEU B 223 22.83 1.22 -17.64
N LYS B 224 23.63 2.15 -18.15
CA LYS B 224 23.14 3.12 -19.12
C LYS B 224 23.03 2.57 -20.53
N GLU B 225 24.07 1.87 -20.98
CA GLU B 225 24.09 1.32 -22.32
C GLU B 225 23.36 -0.01 -22.47
N GLN B 226 23.67 -0.97 -21.61
CA GLN B 226 23.07 -2.28 -21.71
C GLN B 226 21.68 -2.52 -21.12
N VAL B 227 21.29 -1.73 -20.11
CA VAL B 227 19.95 -1.92 -19.53
C VAL B 227 18.97 -0.80 -19.86
N ILE B 228 19.33 0.43 -19.55
CA ILE B 228 18.46 1.58 -19.79
C ILE B 228 18.18 1.83 -21.28
N LYS B 229 19.24 2.02 -22.05
CA LYS B 229 19.09 2.29 -23.48
C LYS B 229 18.57 1.08 -24.26
N ALA B 230 18.62 -0.10 -23.65
CA ALA B 230 18.14 -1.31 -24.33
C ALA B 230 16.65 -1.58 -24.05
N VAL B 231 16.05 -0.77 -23.20
CA VAL B 231 14.62 -0.94 -22.85
C VAL B 231 13.78 0.33 -23.03
N VAL B 232 14.41 1.49 -22.84
CA VAL B 232 13.70 2.75 -22.98
C VAL B 232 13.69 3.26 -24.42
N PRO B 233 12.49 3.45 -24.99
CA PRO B 233 12.31 3.94 -26.37
C PRO B 233 13.07 5.23 -26.63
N ALA B 234 13.79 5.27 -27.75
CA ALA B 234 14.59 6.41 -28.16
C ALA B 234 13.83 7.73 -28.02
N LYS B 235 12.54 7.68 -28.37
CA LYS B 235 11.67 8.84 -28.29
C LYS B 235 11.72 9.52 -26.91
N TYR B 236 11.89 8.73 -25.87
CA TYR B 236 11.92 9.29 -24.51
C TYR B 236 13.30 9.65 -23.93
N LEU B 237 14.36 9.03 -24.42
CA LEU B 237 15.68 9.37 -23.91
C LEU B 237 16.12 10.72 -24.46
N ASP B 238 16.71 11.52 -23.60
CA ASP B 238 17.15 12.88 -23.96
C ASP B 238 18.63 13.13 -23.70
N GLU B 239 19.07 14.36 -23.99
CA GLU B 239 20.46 14.78 -23.76
C GLU B 239 20.48 15.39 -22.35
N ASP B 240 19.28 15.60 -21.81
CA ASP B 240 19.12 16.17 -20.48
C ASP B 240 18.63 15.13 -19.46
N THR B 241 18.17 13.99 -19.95
CA THR B 241 17.67 12.93 -19.07
C THR B 241 18.70 12.70 -17.97
N ILE B 242 18.24 12.72 -16.72
CA ILE B 242 19.13 12.53 -15.59
C ILE B 242 19.25 11.07 -15.16
N TYR B 243 20.49 10.62 -15.00
CA TYR B 243 20.75 9.25 -14.59
C TYR B 243 21.42 9.20 -13.22
N HIS B 244 20.88 8.33 -12.36
CA HIS B 244 21.40 8.13 -11.03
C HIS B 244 21.58 6.62 -10.88
N LEU B 245 22.71 6.14 -11.36
CA LEU B 245 23.05 4.72 -11.32
C LEU B 245 23.95 4.42 -10.11
N GLN B 246 23.48 3.58 -9.21
CA GLN B 246 24.24 3.22 -8.00
C GLN B 246 24.62 4.51 -7.28
N PRO B 247 23.62 5.33 -6.91
CA PRO B 247 23.75 6.62 -6.23
C PRO B 247 24.49 6.53 -4.89
N SER B 248 24.14 5.51 -4.12
CA SER B 248 24.74 5.30 -2.81
C SER B 248 26.08 4.57 -2.80
N GLY B 249 26.69 4.45 -3.99
CA GLY B 249 27.98 3.78 -4.07
C GLY B 249 27.90 2.28 -4.29
N ARG B 250 28.44 1.51 -3.35
CA ARG B 250 28.44 0.08 -3.46
C ARG B 250 27.31 -0.60 -2.69
N PHE B 251 26.78 -1.64 -3.32
CA PHE B 251 25.67 -2.44 -2.83
C PHE B 251 26.12 -3.89 -3.04
N VAL B 252 27.11 -4.34 -2.26
CA VAL B 252 27.64 -5.69 -2.37
C VAL B 252 26.85 -6.77 -1.60
N ILE B 253 27.22 -6.94 -0.33
CA ILE B 253 26.59 -7.94 0.53
C ILE B 253 25.20 -7.47 1.01
N GLY B 254 24.60 -6.57 0.23
CA GLY B 254 23.29 -6.04 0.57
C GLY B 254 22.17 -7.03 0.35
N GLY B 255 22.48 -8.32 0.48
CA GLY B 255 21.48 -9.35 0.31
C GLY B 255 20.27 -9.11 1.18
N PRO B 256 19.18 -9.83 0.95
CA PRO B 256 17.91 -9.76 1.67
C PRO B 256 18.01 -9.70 3.18
N GLN B 257 18.09 -8.47 3.63
CA GLN B 257 18.05 -8.11 5.05
C GLN B 257 17.09 -6.94 5.13
N GLY B 258 17.52 -5.86 4.50
CA GLY B 258 16.75 -4.63 4.41
C GLY B 258 15.81 -4.52 5.60
N ASP B 259 16.40 -4.89 6.74
CA ASP B 259 15.79 -4.91 8.04
C ASP B 259 14.46 -5.64 8.01
N ALA B 260 14.48 -6.88 7.55
CA ALA B 260 13.36 -7.79 7.52
C ALA B 260 12.46 -7.60 6.31
N GLY B 261 12.44 -8.59 5.42
CA GLY B 261 11.54 -8.58 4.27
C GLY B 261 10.19 -9.16 4.66
N VAL B 262 9.13 -8.71 4.00
CA VAL B 262 7.77 -9.12 4.32
C VAL B 262 6.87 -9.23 3.09
N THR B 263 5.80 -10.01 3.25
CA THR B 263 4.83 -10.24 2.19
C THR B 263 3.72 -9.20 2.23
N GLY B 264 3.32 -8.74 1.06
CA GLY B 264 2.26 -7.76 0.95
C GLY B 264 2.63 -6.33 1.32
N ARG B 265 3.93 -6.06 1.38
CA ARG B 265 4.38 -4.73 1.73
C ARG B 265 4.76 -3.90 0.50
N LYS B 266 4.67 -4.51 -0.68
CA LYS B 266 5.01 -3.81 -1.92
C LYS B 266 3.75 -3.70 -2.79
N ILE B 267 2.68 -3.24 -2.16
CA ILE B 267 1.36 -3.08 -2.76
C ILE B 267 1.22 -2.20 -4.00
N ILE B 268 1.98 -1.12 -4.05
CA ILE B 268 1.88 -0.21 -5.20
C ILE B 268 2.73 -0.61 -6.40
N VAL B 269 3.86 -1.28 -6.16
CA VAL B 269 4.69 -1.69 -7.29
C VAL B 269 4.10 -2.92 -7.95
N ASP B 270 3.14 -3.56 -7.27
CA ASP B 270 2.46 -4.75 -7.79
C ASP B 270 1.28 -4.36 -8.66
N THR B 271 0.91 -3.09 -8.61
CA THR B 271 -0.24 -2.61 -9.37
C THR B 271 0.04 -1.59 -10.48
N TYR B 272 -0.27 -0.32 -10.21
CA TYR B 272 -0.10 0.72 -11.21
C TYR B 272 0.97 1.80 -10.97
N GLY B 273 1.82 1.60 -9.97
CA GLY B 273 2.86 2.58 -9.69
C GLY B 273 2.31 3.90 -9.18
N GLY B 274 1.18 3.83 -8.49
CA GLY B 274 0.54 5.01 -7.94
C GLY B 274 -0.30 5.82 -8.92
N TRP B 275 -0.79 5.16 -9.96
CA TRP B 275 -1.59 5.87 -10.94
C TRP B 275 -3.11 5.66 -10.85
N GLY B 276 -3.52 4.45 -10.51
CA GLY B 276 -4.94 4.21 -10.41
C GLY B 276 -5.40 4.59 -9.03
N ALA B 277 -5.89 3.60 -8.30
CA ALA B 277 -6.41 3.77 -6.96
C ALA B 277 -6.17 2.43 -6.29
N HIS B 278 -5.99 2.44 -4.98
CA HIS B 278 -5.74 1.20 -4.28
C HIS B 278 -6.39 1.18 -2.91
N GLY B 279 -7.21 0.15 -2.66
CA GLY B 279 -7.88 0.02 -1.38
C GLY B 279 -6.99 -0.51 -0.26
N GLY B 280 -5.84 -1.07 -0.64
CA GLY B 280 -4.93 -1.61 0.35
C GLY B 280 -4.79 -3.12 0.42
N GLY B 281 -5.55 -3.82 -0.40
CA GLY B 281 -5.48 -5.27 -0.39
C GLY B 281 -4.25 -5.84 -1.06
N ALA B 282 -3.59 -6.79 -0.39
CA ALA B 282 -2.40 -7.46 -0.90
C ALA B 282 -2.77 -8.69 -1.70
N PHE B 283 -1.94 -9.04 -2.69
CA PHE B 283 -2.20 -10.20 -3.54
C PHE B 283 -1.52 -11.48 -3.08
N SER B 284 -0.19 -11.46 -3.15
CA SER B 284 0.65 -12.60 -2.80
C SER B 284 0.29 -13.35 -1.53
N GLY B 285 0.18 -14.66 -1.65
CA GLY B 285 -0.15 -15.48 -0.49
C GLY B 285 -1.61 -15.84 -0.33
N LYS B 286 -2.45 -15.19 -1.12
CA LYS B 286 -3.89 -15.42 -1.08
C LYS B 286 -4.35 -16.14 -2.33
N ASP B 287 -5.21 -17.14 -2.14
CA ASP B 287 -5.72 -17.91 -3.28
C ASP B 287 -6.79 -17.14 -4.06
N TYR B 288 -7.29 -17.80 -5.11
CA TYR B 288 -8.29 -17.20 -5.98
C TYR B 288 -9.67 -16.91 -5.36
N THR B 289 -9.93 -17.42 -4.16
CA THR B 289 -11.22 -17.14 -3.53
C THR B 289 -11.32 -15.79 -2.82
N LYS B 290 -10.16 -15.14 -2.65
CA LYS B 290 -10.12 -13.83 -2.02
C LYS B 290 -10.37 -12.76 -3.08
N VAL B 291 -11.45 -12.01 -2.92
CA VAL B 291 -11.79 -10.96 -3.86
C VAL B 291 -10.68 -9.92 -4.04
N ASP B 292 -9.81 -9.80 -3.03
CA ASP B 292 -8.70 -8.86 -3.12
C ASP B 292 -7.82 -9.11 -4.33
N ARG B 293 -7.69 -10.39 -4.70
CA ARG B 293 -6.86 -10.76 -5.83
C ARG B 293 -7.70 -10.89 -7.10
N SER B 294 -8.62 -11.85 -7.10
CA SER B 294 -9.48 -12.12 -8.24
C SER B 294 -10.17 -10.91 -8.84
N ALA B 295 -10.98 -10.23 -8.03
CA ALA B 295 -11.72 -9.07 -8.47
C ALA B 295 -10.82 -7.94 -8.96
N ALA B 296 -9.63 -7.82 -8.38
CA ALA B 296 -8.70 -6.78 -8.79
C ALA B 296 -8.21 -7.11 -10.20
N TYR B 297 -8.01 -8.39 -10.45
CA TYR B 297 -7.57 -8.88 -11.76
C TYR B 297 -8.69 -8.63 -12.78
N ALA B 298 -9.92 -8.95 -12.36
CA ALA B 298 -11.09 -8.77 -13.20
C ALA B 298 -11.26 -7.31 -13.60
N ALA B 299 -11.08 -6.41 -12.63
CA ALA B 299 -11.21 -4.99 -12.86
C ALA B 299 -10.16 -4.46 -13.86
N ARG B 300 -8.95 -5.02 -13.79
CA ARG B 300 -7.89 -4.63 -14.70
C ARG B 300 -8.30 -5.10 -16.09
N TRP B 301 -8.82 -6.32 -16.14
CA TRP B 301 -9.27 -6.96 -17.36
C TRP B 301 -10.21 -6.04 -18.14
N VAL B 302 -11.32 -5.67 -17.51
CA VAL B 302 -12.31 -4.80 -18.15
C VAL B 302 -11.73 -3.44 -18.53
N ALA B 303 -10.83 -2.92 -17.72
CA ALA B 303 -10.21 -1.64 -18.00
C ALA B 303 -9.40 -1.74 -19.29
N LYS B 304 -8.56 -2.77 -19.36
CA LYS B 304 -7.72 -3.00 -20.53
C LYS B 304 -8.58 -3.27 -21.77
N SER B 305 -9.68 -4.00 -21.56
CA SER B 305 -10.59 -4.32 -22.65
C SER B 305 -11.22 -3.07 -23.24
N LEU B 306 -11.65 -2.17 -22.35
CA LEU B 306 -12.29 -0.93 -22.77
C LEU B 306 -11.42 -0.06 -23.67
N VAL B 307 -10.19 0.23 -23.24
CA VAL B 307 -9.29 1.06 -24.03
C VAL B 307 -8.90 0.35 -25.32
N LYS B 308 -8.72 -0.97 -25.23
CA LYS B 308 -8.34 -1.76 -26.40
C LYS B 308 -9.44 -1.71 -27.45
N ALA B 309 -10.68 -1.68 -26.97
CA ALA B 309 -11.85 -1.64 -27.84
C ALA B 309 -12.14 -0.21 -28.34
N GLY B 310 -11.19 0.70 -28.12
CA GLY B 310 -11.34 2.08 -28.56
C GLY B 310 -12.40 2.91 -27.84
N LEU B 311 -13.04 2.30 -26.85
CA LEU B 311 -14.09 2.98 -26.07
C LEU B 311 -13.61 4.09 -25.14
N CYS B 312 -12.29 4.26 -25.05
CA CYS B 312 -11.67 5.29 -24.21
C CYS B 312 -10.16 5.19 -24.26
N ARG B 313 -9.48 6.27 -23.87
CA ARG B 313 -8.02 6.30 -23.87
C ARG B 313 -7.43 6.10 -22.48
N ARG B 314 -8.28 6.22 -21.45
CA ARG B 314 -7.86 6.09 -20.06
C ARG B 314 -9.07 5.84 -19.16
N VAL B 315 -9.03 4.73 -18.43
CA VAL B 315 -10.14 4.37 -17.56
C VAL B 315 -9.75 3.92 -16.17
N LEU B 316 -10.66 4.18 -15.24
CA LEU B 316 -10.50 3.82 -13.85
C LEU B 316 -11.83 3.14 -13.50
N VAL B 317 -11.88 1.84 -13.69
CA VAL B 317 -13.09 1.09 -13.38
C VAL B 317 -13.07 0.74 -11.90
N GLN B 318 -14.20 0.96 -11.25
CA GLN B 318 -14.34 0.72 -9.82
C GLN B 318 -15.44 -0.31 -9.57
N VAL B 319 -15.07 -1.49 -9.09
CA VAL B 319 -16.05 -2.53 -8.81
C VAL B 319 -16.21 -2.78 -7.31
N SER B 320 -17.44 -2.65 -6.82
CA SER B 320 -17.73 -2.86 -5.40
C SER B 320 -18.51 -4.14 -5.17
N TYR B 321 -18.20 -4.80 -4.06
CA TYR B 321 -18.87 -6.05 -3.69
C TYR B 321 -19.48 -5.96 -2.31
N ALA B 322 -20.51 -6.76 -2.07
CA ALA B 322 -21.18 -6.81 -0.78
C ALA B 322 -21.02 -8.21 -0.22
N ILE B 323 -20.59 -8.29 1.04
CA ILE B 323 -20.38 -9.57 1.70
C ILE B 323 -21.63 -10.43 1.62
N GLY B 324 -21.48 -11.64 1.07
CA GLY B 324 -22.61 -12.54 0.94
C GLY B 324 -23.16 -12.56 -0.47
N VAL B 325 -23.25 -11.38 -1.09
CA VAL B 325 -23.75 -11.24 -2.45
C VAL B 325 -22.70 -11.61 -3.51
N ALA B 326 -23.16 -12.32 -4.55
CA ALA B 326 -22.28 -12.75 -5.64
C ALA B 326 -22.12 -11.66 -6.69
N GLU B 327 -23.24 -11.17 -7.21
CA GLU B 327 -23.25 -10.13 -8.22
C GLU B 327 -22.66 -8.84 -7.63
N PRO B 328 -21.72 -8.19 -8.32
CA PRO B 328 -21.10 -6.95 -7.85
C PRO B 328 -22.12 -5.88 -7.42
N LEU B 329 -21.84 -5.26 -6.27
CA LEU B 329 -22.70 -4.21 -5.72
C LEU B 329 -22.32 -2.83 -6.26
N SER B 330 -22.58 -2.62 -7.54
CA SER B 330 -22.31 -1.36 -8.21
C SER B 330 -20.89 -1.24 -8.75
N ILE B 331 -20.84 -1.09 -10.07
CA ILE B 331 -19.56 -0.91 -10.75
C ILE B 331 -19.59 0.49 -11.34
N SER B 332 -18.48 1.21 -11.23
CA SER B 332 -18.38 2.56 -11.76
C SER B 332 -17.21 2.67 -12.72
N ILE B 333 -17.48 3.24 -13.88
CA ILE B 333 -16.44 3.41 -14.88
C ILE B 333 -16.02 4.87 -14.84
N PHE B 334 -14.72 5.10 -14.74
CA PHE B 334 -14.23 6.46 -14.71
C PHE B 334 -13.22 6.78 -15.80
N THR B 335 -13.78 7.30 -16.88
CA THR B 335 -13.01 7.83 -18.00
C THR B 335 -12.72 9.27 -17.62
N TYR B 336 -11.68 9.84 -18.20
CA TYR B 336 -11.34 11.21 -17.90
C TYR B 336 -11.69 12.07 -19.13
N GLY B 337 -12.88 11.85 -19.67
CA GLY B 337 -13.34 12.59 -20.82
C GLY B 337 -12.61 12.12 -22.07
N THR B 338 -12.16 10.89 -22.02
CA THR B 338 -11.42 10.30 -23.14
C THR B 338 -12.35 9.39 -23.98
N SER B 339 -13.58 9.22 -23.50
CA SER B 339 -14.55 8.38 -24.18
C SER B 339 -15.60 9.19 -24.90
N LYS B 340 -16.09 8.64 -26.01
CA LYS B 340 -17.13 9.31 -26.78
C LYS B 340 -18.48 8.72 -26.37
N LYS B 341 -18.48 7.46 -25.94
CA LYS B 341 -19.73 6.79 -25.52
C LYS B 341 -20.47 7.41 -24.35
N THR B 342 -19.76 7.78 -23.29
CA THR B 342 -20.34 8.43 -22.13
C THR B 342 -20.67 7.42 -21.02
N GLU B 343 -20.02 7.58 -19.87
CA GLU B 343 -20.33 6.77 -18.71
C GLU B 343 -21.83 6.62 -18.48
N ARG B 344 -22.23 5.36 -18.46
CA ARG B 344 -23.60 4.91 -18.39
C ARG B 344 -24.16 4.73 -19.80
N GLU B 345 -23.22 4.36 -20.66
CA GLU B 345 -23.35 3.79 -21.98
C GLU B 345 -22.25 2.71 -22.03
N LEU B 346 -21.14 3.05 -21.37
CA LEU B 346 -19.99 2.17 -21.24
C LEU B 346 -20.28 1.17 -20.14
N LEU B 347 -21.11 1.57 -19.18
CA LEU B 347 -21.45 0.67 -18.08
C LEU B 347 -22.29 -0.49 -18.61
N GLU B 348 -23.18 -0.18 -19.56
CA GLU B 348 -24.01 -1.21 -20.15
C GLU B 348 -23.15 -2.09 -21.05
N VAL B 349 -22.10 -1.50 -21.63
CA VAL B 349 -21.19 -2.26 -22.48
C VAL B 349 -20.49 -3.28 -21.59
N VAL B 350 -20.14 -2.86 -20.38
CA VAL B 350 -19.48 -3.74 -19.42
C VAL B 350 -20.46 -4.79 -18.88
N ASN B 351 -21.69 -4.36 -18.65
CA ASN B 351 -22.71 -5.26 -18.11
C ASN B 351 -23.20 -6.27 -19.15
N LYS B 352 -22.91 -6.02 -20.41
CA LYS B 352 -23.34 -6.93 -21.48
C LYS B 352 -22.18 -7.80 -21.96
N ASN B 353 -20.97 -7.45 -21.54
CA ASN B 353 -19.78 -8.20 -21.94
C ASN B 353 -19.08 -8.91 -20.77
N PHE B 354 -19.37 -8.47 -19.54
CA PHE B 354 -18.73 -9.05 -18.36
C PHE B 354 -19.67 -9.51 -17.25
N ASP B 355 -19.28 -10.59 -16.60
CA ASP B 355 -20.02 -11.18 -15.49
C ASP B 355 -18.98 -11.26 -14.36
N LEU B 356 -18.82 -10.14 -13.66
CA LEU B 356 -17.84 -10.02 -12.59
C LEU B 356 -18.13 -10.73 -11.26
N ARG B 357 -18.92 -11.79 -11.30
CA ARG B 357 -19.20 -12.52 -10.05
C ARG B 357 -17.93 -13.31 -9.74
N PRO B 358 -17.54 -13.38 -8.46
CA PRO B 358 -16.34 -14.11 -8.02
C PRO B 358 -16.07 -15.44 -8.70
N GLY B 359 -17.04 -16.36 -8.60
CA GLY B 359 -16.89 -17.66 -9.22
C GLY B 359 -16.66 -17.62 -10.73
N VAL B 360 -17.40 -16.76 -11.43
CA VAL B 360 -17.25 -16.66 -12.87
C VAL B 360 -15.88 -16.12 -13.22
N ILE B 361 -15.39 -15.19 -12.41
CA ILE B 361 -14.08 -14.59 -12.63
C ILE B 361 -13.00 -15.66 -12.66
N VAL B 362 -12.97 -16.49 -11.61
CA VAL B 362 -11.96 -17.55 -11.52
C VAL B 362 -12.07 -18.54 -12.67
N ARG B 363 -13.29 -18.77 -13.14
CA ARG B 363 -13.51 -19.70 -14.25
C ARG B 363 -13.03 -19.10 -15.56
N ASP B 364 -13.49 -17.88 -15.83
CA ASP B 364 -13.11 -17.18 -17.06
C ASP B 364 -11.63 -16.84 -17.12
N LEU B 365 -11.06 -16.46 -15.99
CA LEU B 365 -9.65 -16.09 -15.95
C LEU B 365 -8.71 -17.25 -15.63
N ASP B 366 -9.26 -18.45 -15.48
CA ASP B 366 -8.47 -19.64 -15.19
C ASP B 366 -7.60 -19.41 -13.96
N LEU B 367 -8.23 -18.90 -12.89
CA LEU B 367 -7.50 -18.60 -11.66
C LEU B 367 -7.12 -19.77 -10.74
N LYS B 368 -7.35 -21.00 -11.18
CA LYS B 368 -6.99 -22.15 -10.37
C LYS B 368 -5.65 -22.69 -10.84
N LYS B 369 -5.11 -22.04 -11.86
CA LYS B 369 -3.83 -22.42 -12.45
C LYS B 369 -2.68 -21.83 -11.64
N PRO B 370 -1.57 -22.59 -11.50
CA PRO B 370 -0.41 -22.10 -10.73
C PRO B 370 0.48 -21.13 -11.52
N ILE B 371 0.04 -19.88 -11.66
CA ILE B 371 0.81 -18.87 -12.38
C ILE B 371 1.15 -17.72 -11.42
N TYR B 372 0.72 -17.88 -10.17
CA TYR B 372 0.93 -16.87 -9.15
C TYR B 372 2.36 -16.46 -8.79
N GLN B 373 3.33 -17.37 -8.91
CA GLN B 373 4.70 -17.01 -8.57
C GLN B 373 5.27 -16.00 -9.54
N LYS B 374 5.00 -16.17 -10.82
CA LYS B 374 5.51 -15.25 -11.83
C LYS B 374 4.77 -13.92 -11.73
N THR B 375 3.67 -13.93 -10.97
CA THR B 375 2.87 -12.72 -10.79
C THR B 375 3.43 -11.95 -9.60
N ALA B 376 4.18 -12.67 -8.76
CA ALA B 376 4.79 -12.12 -7.55
C ALA B 376 5.96 -11.16 -7.71
N CYS B 377 6.32 -10.82 -8.94
CA CYS B 377 7.41 -9.91 -9.17
C CYS B 377 7.30 -9.25 -10.53
N TYR B 378 7.85 -8.03 -10.62
CA TYR B 378 7.80 -7.27 -11.86
C TYR B 378 6.38 -6.82 -12.22
N GLY B 379 5.50 -6.78 -11.22
CA GLY B 379 4.14 -6.33 -11.45
C GLY B 379 3.10 -7.36 -11.87
N HIS B 380 1.89 -7.21 -11.32
CA HIS B 380 0.79 -8.09 -11.64
C HIS B 380 0.07 -7.67 -12.92
N PHE B 381 0.13 -6.38 -13.22
CA PHE B 381 -0.53 -5.85 -14.41
C PHE B 381 0.46 -5.40 -15.46
N GLY B 382 0.11 -5.64 -16.72
CA GLY B 382 0.97 -5.24 -17.82
C GLY B 382 1.36 -6.39 -18.73
N ARG B 383 1.94 -7.43 -18.14
CA ARG B 383 2.36 -8.62 -18.89
C ARG B 383 1.20 -9.39 -19.49
N SER B 384 1.24 -9.52 -20.81
CA SER B 384 0.19 -10.22 -21.57
C SER B 384 0.01 -11.72 -21.31
N GLU B 385 1.02 -12.36 -20.72
CA GLU B 385 0.95 -13.78 -20.44
C GLU B 385 -0.06 -14.18 -19.37
N PHE B 386 -0.70 -13.18 -18.76
CA PHE B 386 -1.70 -13.43 -17.70
C PHE B 386 -3.09 -13.28 -18.29
N PRO B 387 -4.02 -14.18 -17.93
CA PRO B 387 -5.40 -14.19 -18.40
C PRO B 387 -6.08 -12.83 -18.40
N TRP B 388 -6.01 -12.13 -17.27
CA TRP B 388 -6.62 -10.82 -17.13
C TRP B 388 -5.99 -9.75 -18.03
N GLU B 389 -4.87 -10.08 -18.67
CA GLU B 389 -4.20 -9.13 -19.56
C GLU B 389 -4.57 -9.32 -21.03
N VAL B 390 -5.43 -10.31 -21.28
CA VAL B 390 -5.91 -10.61 -22.63
C VAL B 390 -7.25 -9.88 -22.74
N PRO B 391 -7.32 -8.84 -23.58
CA PRO B 391 -8.53 -8.05 -23.78
C PRO B 391 -9.70 -8.88 -24.28
N LYS B 392 -10.87 -8.66 -23.69
CA LYS B 392 -12.06 -9.38 -24.12
C LYS B 392 -12.56 -8.66 -25.37
N LYS B 393 -13.31 -9.38 -26.21
CA LYS B 393 -13.82 -8.81 -27.46
C LYS B 393 -14.59 -7.51 -27.32
N LEU B 394 -15.65 -7.52 -26.51
CA LEU B 394 -16.50 -6.36 -26.29
C LEU B 394 -17.38 -6.11 -27.53
N VAL B 395 -18.56 -6.72 -27.52
CA VAL B 395 -19.52 -6.60 -28.61
C VAL B 395 -20.24 -5.24 -28.67
N PHE B 396 -19.99 -4.37 -27.68
CA PHE B 396 -20.63 -3.03 -27.59
C PHE B 396 -22.13 -3.12 -27.28
CB AMB C . -10.37 -12.08 12.89
CG AMB C . -11.53 -13.03 13.06
OD AMB C . -12.96 -13.07 12.66
CE AMB C . -13.70 -14.18 13.26
C AMB C . -8.53 -10.42 12.23
O AMB C . -8.05 -9.43 11.84
OXT AMB C . -7.58 -11.28 12.75
N AMB C . -10.78 -10.22 10.95
CA AMB C . -10.05 -10.72 12.21
P PO4 D . -7.66 -7.34 7.66
O1 PO4 D . -7.23 -8.20 6.45
O2 PO4 D . -9.02 -8.01 8.15
O3 PO4 D . -8.03 -5.91 7.24
O4 PO4 D . -6.64 -7.33 8.86
P PO4 E . -15.33 -8.21 7.98
O1 PO4 E . -16.64 -7.60 8.55
O2 PO4 E . -15.41 -9.74 8.22
O3 PO4 E . -14.10 -7.68 8.78
O4 PO4 E . -15.16 -8.10 6.42
MG MG F . -16.71 -11.69 6.58
MG MG G . -6.06 -9.66 13.56
MG MG H . -6.80 -4.38 5.95
PB ADP I . -7.36 -17.06 12.76
O1B ADP I . -8.14 -15.71 13.01
O2B ADP I . -6.16 -17.35 13.73
O3B ADP I . -8.35 -18.27 12.75
PA ADP I . -5.66 -15.88 10.79
O1A ADP I . -6.33 -14.52 11.10
O2A ADP I . -4.40 -16.23 11.93
O3A ADP I . -6.77 -17.09 11.12
O5' ADP I . -5.05 -15.80 9.22
C5' ADP I . -5.06 -16.87 8.20
C4' ADP I . -6.47 -17.20 7.73
O4' ADP I . -7.19 -16.02 7.15
C3' ADP I . -6.37 -18.29 6.68
O3' ADP I . -6.83 -19.57 7.32
C2' ADP I . -7.05 -17.74 5.32
O2' ADP I . -8.15 -18.58 4.71
C1' ADP I . -7.56 -16.30 5.70
N9 ADP I . -7.05 -15.16 4.71
C8 ADP I . -5.76 -14.75 4.33
N7 ADP I . -5.77 -13.69 3.44
C5 ADP I . -7.14 -13.40 3.23
C6 ADP I . -7.90 -12.40 2.41
N6 ADP I . -7.35 -11.46 1.59
N1 ADP I . -9.29 -12.40 2.46
C2 ADP I . -9.89 -13.36 3.27
N3 ADP I . -9.29 -14.33 4.08
C4 ADP I . -7.92 -14.30 4.02
P PO4 J . -3.39 -7.17 3.37
O1 PO4 J . -3.28 -5.89 3.69
O2 PO4 J . -2.11 -7.79 3.93
O3 PO4 J . -3.33 -7.44 1.87
O4 PO4 J . -4.55 -7.96 4.04
K K K . 2.39 -1.12 1.68
K K L . -0.41 -10.45 1.98
#